data_3KW7
#
_entry.id   3KW7
#
_cell.length_a   98.778
_cell.length_b   98.778
_cell.length_c   149.960
_cell.angle_alpha   90.00
_cell.angle_beta   90.00
_cell.angle_gamma   90.00
#
_symmetry.space_group_name_H-M   'P 41'
#
loop_
_entity.id
_entity.type
_entity.pdbx_description
1 polymer 'Laccase B'
2 branched 2-acetamido-2-deoxy-beta-D-glucopyranose-(1-4)-2-acetamido-2-deoxy-beta-D-glucopyranose
3 non-polymer 'COPPER (II) ION'
4 non-polymer 2-acetamido-2-deoxy-beta-D-glucopyranose
5 water water
#
_entity_poly.entity_id   1
_entity_poly.type   'polypeptide(L)'
_entity_poly.pdbx_seq_one_letter_code
;AIGPVTDLTISNADVTPDGFTRAAVVANGVFPGPLITGNKGDNFQINVIDNLTNATMLKTTTIHWHGLFQHGTNWADGPA
FVNQCPIASGNSFLYDFTVPDQAGTFWYHSHLSTQYCDGLRGPLVVYDPSDPYASMYDVDDDTTVITLSDWYHTAAKLGP
AFPPNADSVLINGLGRFAGGNASDLAVITVEQNKRYRFRLVSLSCDPNFTFSIDGHNMTIIEVDGVNHEPLEVDSIQIFA
SQRYSFVLNATQSVDNYWIRAIPNTGTIDTTGGLNSAILRYSGADIVDPTANATTSVIPLVETDLVPLDSPAAPGDPVVG
GVDLAMNLDFSFNGTNFFINNETLIPPTVPVLLQILSGAQSASDLLPTGSVYTLPLNSTIELSFPITTVNGVTNAPGAPH
PFHLHGHAFSVVRSAGSSDYNYVNPVRRDTVSTGNPGDNVTIRFTTDNAGPWFLHCHIDFHLEAGFAIVFAEDTPDTASV
NPVPTAWSDLCPTYDALDPSDH
;
_entity_poly.pdbx_strand_id   A,B
#
# COMPACT_ATOMS: atom_id res chain seq x y z
N ALA A 1 -15.79 -35.40 -11.28
CA ALA A 1 -15.18 -36.23 -12.36
C ALA A 1 -14.75 -37.55 -11.76
N ILE A 2 -13.45 -37.74 -11.59
CA ILE A 2 -12.90 -38.97 -10.99
C ILE A 2 -12.36 -38.77 -9.56
N GLY A 3 -11.85 -39.85 -8.96
CA GLY A 3 -11.28 -39.77 -7.61
C GLY A 3 -12.33 -40.07 -6.55
N PRO A 4 -11.90 -40.05 -5.27
CA PRO A 4 -10.53 -39.81 -4.86
C PRO A 4 -9.63 -41.00 -5.13
N VAL A 5 -10.19 -42.17 -5.40
CA VAL A 5 -9.38 -43.30 -5.87
C VAL A 5 -9.75 -43.64 -7.29
N THR A 6 -8.74 -43.70 -8.14
CA THR A 6 -8.99 -43.96 -9.55
C THR A 6 -7.70 -44.23 -10.31
N ASP A 7 -7.83 -44.42 -11.60
CA ASP A 7 -6.65 -44.61 -12.42
C ASP A 7 -6.49 -43.44 -13.39
N LEU A 8 -5.26 -43.00 -13.60
CA LEU A 8 -4.97 -42.08 -14.69
C LEU A 8 -4.31 -42.90 -15.75
N THR A 9 -4.97 -42.99 -16.90
CA THR A 9 -4.41 -43.68 -18.05
C THR A 9 -3.77 -42.59 -18.93
N ILE A 10 -2.45 -42.70 -19.12
CA ILE A 10 -1.68 -41.72 -19.89
C ILE A 10 -1.23 -42.34 -21.21
N SER A 11 -1.66 -41.72 -22.32
CA SER A 11 -1.46 -42.28 -23.66
C SER A 11 -1.21 -41.21 -24.73
N ASN A 12 -0.51 -41.58 -25.79
CA ASN A 12 -0.32 -40.69 -26.92
C ASN A 12 -1.54 -40.75 -27.84
N ALA A 13 -2.16 -39.60 -28.13
CA ALA A 13 -3.30 -39.54 -29.06
C ALA A 13 -3.42 -38.16 -29.71
N ASP A 14 -3.91 -38.11 -30.94
CA ASP A 14 -4.08 -36.83 -31.61
C ASP A 14 -5.29 -36.11 -31.05
N VAL A 15 -5.10 -34.85 -30.68
CA VAL A 15 -6.21 -34.01 -30.19
C VAL A 15 -6.31 -32.61 -30.86
N THR A 16 -7.53 -32.14 -31.04
CA THR A 16 -7.74 -30.90 -31.78
C THR A 16 -8.64 -29.91 -30.99
N PRO A 17 -8.00 -29.09 -30.13
CA PRO A 17 -8.71 -28.17 -29.24
C PRO A 17 -8.96 -26.77 -29.82
N ASP A 18 -8.18 -26.40 -30.82
CA ASP A 18 -8.22 -25.05 -31.40
C ASP A 18 -8.53 -25.03 -32.90
N GLY A 19 -9.05 -26.14 -33.40
CA GLY A 19 -9.24 -26.30 -34.82
C GLY A 19 -8.05 -26.95 -35.50
N PHE A 20 -6.95 -27.08 -34.79
CA PHE A 20 -5.73 -27.66 -35.35
C PHE A 20 -5.45 -29.00 -34.67
N THR A 21 -5.40 -30.09 -35.46
CA THR A 21 -5.11 -31.44 -34.95
C THR A 21 -3.59 -31.70 -34.85
N ARG A 22 -3.14 -32.09 -33.66
CA ARG A 22 -1.74 -32.50 -33.45
C ARG A 22 -1.63 -33.53 -32.35
N ALA A 23 -0.69 -34.45 -32.48
CA ALA A 23 -0.55 -35.52 -31.50
C ALA A 23 -0.10 -34.96 -30.13
N ALA A 24 -0.64 -35.47 -29.05
CA ALA A 24 -0.22 -34.99 -27.75
C ALA A 24 -0.16 -36.09 -26.69
N VAL A 25 0.39 -35.73 -25.53
CA VAL A 25 0.39 -36.63 -24.39
C VAL A 25 -0.78 -36.25 -23.52
N VAL A 26 -1.65 -37.21 -23.24
CA VAL A 26 -2.93 -36.92 -22.56
C VAL A 26 -3.34 -37.93 -21.45
N ALA A 27 -4.07 -37.45 -20.44
CA ALA A 27 -4.55 -38.29 -19.36
C ALA A 27 -5.99 -38.68 -19.64
N ASN A 28 -6.30 -39.98 -19.56
CA ASN A 28 -7.65 -40.50 -19.87
C ASN A 28 -8.26 -40.03 -21.19
N GLY A 29 -7.41 -39.88 -22.22
CA GLY A 29 -7.84 -39.51 -23.56
C GLY A 29 -8.19 -38.05 -23.81
N VAL A 30 -8.89 -37.38 -22.89
CA VAL A 30 -9.33 -35.98 -23.10
C VAL A 30 -8.29 -34.98 -22.58
N PHE A 31 -8.07 -33.89 -23.33
CA PHE A 31 -7.27 -32.73 -22.88
C PHE A 31 -8.11 -31.45 -22.68
N PRO A 32 -7.93 -30.77 -21.55
CA PRO A 32 -7.03 -31.07 -20.44
C PRO A 32 -7.52 -32.29 -19.63
N GLY A 33 -6.59 -33.01 -18.98
CA GLY A 33 -6.89 -34.23 -18.21
C GLY A 33 -8.11 -34.10 -17.31
N PRO A 34 -8.78 -35.21 -17.01
CA PRO A 34 -10.05 -35.22 -16.25
C PRO A 34 -9.95 -34.60 -14.84
N LEU A 35 -10.99 -33.90 -14.40
CA LEU A 35 -11.01 -33.37 -13.04
C LEU A 35 -10.95 -34.46 -11.94
N ILE A 36 -9.91 -34.44 -11.13
CA ILE A 36 -9.84 -35.34 -10.00
C ILE A 36 -10.48 -34.68 -8.77
N THR A 37 -11.46 -35.34 -8.17
CA THR A 37 -12.16 -34.77 -7.00
C THR A 37 -11.95 -35.57 -5.71
N GLY A 38 -11.92 -34.84 -4.60
CA GLY A 38 -11.82 -35.42 -3.26
C GLY A 38 -12.27 -34.43 -2.19
N ASN A 39 -12.47 -34.94 -0.97
CA ASN A 39 -12.83 -34.10 0.18
C ASN A 39 -11.69 -33.98 1.19
N LYS A 40 -11.72 -32.91 1.98
CA LYS A 40 -10.70 -32.67 3.00
C LYS A 40 -10.59 -33.86 3.94
N GLY A 41 -9.38 -34.43 4.04
CA GLY A 41 -9.17 -35.64 4.82
C GLY A 41 -9.31 -36.94 4.01
N ASP A 42 -9.67 -36.83 2.73
CA ASP A 42 -9.79 -38.03 1.90
C ASP A 42 -8.40 -38.58 1.56
N ASN A 43 -8.30 -39.92 1.47
CA ASN A 43 -7.04 -40.57 1.06
C ASN A 43 -6.99 -40.84 -0.44
N PHE A 44 -6.27 -40.00 -1.21
CA PHE A 44 -6.14 -40.19 -2.68
C PHE A 44 -5.26 -41.37 -3.08
N GLN A 45 -5.76 -42.21 -3.97
CA GLN A 45 -4.94 -43.28 -4.53
C GLN A 45 -5.16 -43.24 -6.02
N ILE A 46 -4.13 -42.78 -6.74
CA ILE A 46 -4.23 -42.58 -8.18
C ILE A 46 -3.25 -43.50 -8.89
N ASN A 47 -3.77 -44.48 -9.61
CA ASN A 47 -2.91 -45.45 -10.27
C ASN A 47 -2.58 -44.88 -11.63
N VAL A 48 -1.38 -44.31 -11.74
CA VAL A 48 -0.96 -43.72 -13.00
C VAL A 48 -0.43 -44.85 -13.87
N ILE A 49 -1.14 -45.12 -14.97
CA ILE A 49 -0.72 -46.14 -15.94
C ILE A 49 -0.06 -45.53 -17.18
N ASP A 50 1.20 -45.89 -17.38
CA ASP A 50 1.99 -45.29 -18.45
C ASP A 50 1.97 -46.12 -19.70
N ASN A 51 1.25 -45.61 -20.70
CA ASN A 51 1.12 -46.25 -22.02
C ASN A 51 1.53 -45.30 -23.12
N LEU A 52 2.79 -44.92 -23.13
CA LEU A 52 3.22 -43.94 -24.11
C LEU A 52 4.16 -44.54 -25.16
N THR A 53 3.92 -44.14 -26.40
CA THR A 53 4.61 -44.74 -27.52
C THR A 53 5.48 -43.71 -28.28
N ASN A 54 5.27 -42.42 -27.99
CA ASN A 54 5.93 -41.36 -28.73
C ASN A 54 7.12 -40.88 -27.95
N ALA A 55 8.30 -41.16 -28.50
CA ALA A 55 9.57 -40.91 -27.83
C ALA A 55 9.86 -39.42 -27.76
N THR A 56 9.39 -38.70 -28.76
CA THR A 56 9.65 -37.27 -28.93
C THR A 56 8.94 -36.44 -27.84
N MET A 57 7.82 -36.98 -27.32
CA MET A 57 7.14 -36.36 -26.17
C MET A 57 7.40 -37.05 -24.84
N LEU A 58 8.33 -38.02 -24.86
CA LEU A 58 8.82 -38.84 -23.72
C LEU A 58 7.83 -39.93 -23.38
N LYS A 59 8.34 -41.15 -23.37
CA LYS A 59 7.52 -42.29 -23.06
C LYS A 59 7.39 -42.42 -21.55
N THR A 60 8.40 -41.94 -20.82
CA THR A 60 8.33 -41.98 -19.36
C THR A 60 7.64 -40.76 -18.80
N THR A 61 7.03 -40.90 -17.64
CA THR A 61 6.23 -39.81 -17.10
C THR A 61 6.28 -39.78 -15.58
N THR A 62 5.85 -38.66 -15.00
CA THR A 62 5.65 -38.55 -13.56
C THR A 62 4.68 -37.40 -13.32
N ILE A 63 3.74 -37.58 -12.39
CA ILE A 63 2.79 -36.50 -12.17
C ILE A 63 2.91 -35.86 -10.79
N HIS A 64 2.99 -34.53 -10.79
CA HIS A 64 2.98 -33.71 -9.58
C HIS A 64 1.56 -33.20 -9.29
N TRP A 65 1.26 -33.01 -8.00
CA TRP A 65 -0.08 -32.63 -7.52
C TRP A 65 0.09 -31.29 -6.90
N HIS A 66 -0.10 -30.25 -7.71
CA HIS A 66 0.31 -28.89 -7.36
C HIS A 66 -0.38 -28.37 -6.14
N GLY A 67 0.41 -27.94 -5.16
CA GLY A 67 -0.16 -27.25 -4.03
C GLY A 67 -0.46 -28.15 -2.85
N LEU A 68 -0.38 -29.46 -3.07
CA LEU A 68 -0.56 -30.46 -2.01
C LEU A 68 0.70 -30.67 -1.19
N PHE A 69 0.62 -30.47 0.12
CA PHE A 69 1.80 -30.48 0.95
C PHE A 69 2.55 -31.81 0.96
N GLN A 70 1.85 -32.91 0.75
CA GLN A 70 2.45 -34.25 0.77
C GLN A 70 3.29 -34.57 1.98
N HIS A 71 2.76 -34.35 3.20
CA HIS A 71 3.39 -34.79 4.46
C HIS A 71 3.43 -36.31 4.58
N GLY A 72 4.62 -36.83 4.92
CA GLY A 72 4.82 -38.28 5.01
C GLY A 72 4.84 -38.99 3.66
N THR A 73 4.55 -38.25 2.59
CA THR A 73 4.45 -38.84 1.29
C THR A 73 5.29 -38.11 0.28
N ASN A 74 6.51 -37.75 0.68
CA ASN A 74 7.37 -36.96 -0.16
C ASN A 74 7.68 -37.67 -1.46
N TRP A 75 7.71 -39.01 -1.44
CA TRP A 75 7.93 -39.85 -2.64
C TRP A 75 6.88 -39.57 -3.70
N ALA A 76 5.67 -39.28 -3.25
CA ALA A 76 4.53 -39.09 -4.12
C ALA A 76 4.37 -37.69 -4.66
N ASP A 77 5.41 -36.85 -4.54
CA ASP A 77 5.27 -35.44 -4.85
C ASP A 77 5.30 -35.18 -6.33
N GLY A 78 6.17 -35.87 -7.07
CA GLY A 78 6.16 -35.76 -8.54
C GLY A 78 7.46 -35.46 -9.29
N PRO A 79 8.07 -34.30 -9.03
CA PRO A 79 9.31 -33.85 -9.64
C PRO A 79 10.29 -34.96 -9.93
N ALA A 80 10.67 -35.12 -11.20
CA ALA A 80 11.66 -36.11 -11.63
C ALA A 80 13.08 -35.89 -11.12
N PHE A 81 13.68 -36.92 -10.53
CA PHE A 81 15.04 -36.80 -10.05
C PHE A 81 15.16 -35.87 -8.86
N VAL A 82 14.05 -35.51 -8.26
CA VAL A 82 14.07 -34.82 -7.01
C VAL A 82 13.33 -35.70 -6.03
N ASN A 83 12.16 -36.16 -6.42
CA ASN A 83 11.29 -36.94 -5.56
C ASN A 83 11.08 -38.37 -5.99
N GLN A 84 11.29 -38.66 -7.26
CA GLN A 84 11.13 -40.01 -7.78
C GLN A 84 11.78 -40.18 -9.15
N CYS A 85 12.01 -41.43 -9.56
CA CYS A 85 12.40 -41.76 -10.93
C CYS A 85 11.15 -41.89 -11.76
N PRO A 86 11.22 -41.53 -13.05
CA PRO A 86 10.00 -41.51 -13.89
C PRO A 86 9.48 -42.90 -14.12
N ILE A 87 8.17 -42.98 -14.36
CA ILE A 87 7.49 -44.27 -14.54
C ILE A 87 7.74 -44.74 -15.94
N ALA A 88 8.06 -46.03 -16.10
CA ALA A 88 8.34 -46.59 -17.44
C ALA A 88 7.09 -46.92 -18.26
N SER A 89 7.19 -46.87 -19.58
CA SER A 89 6.04 -47.22 -20.41
C SER A 89 5.75 -48.71 -20.29
N GLY A 90 4.47 -49.03 -20.11
CA GLY A 90 4.06 -50.41 -19.96
C GLY A 90 3.83 -50.77 -18.50
N ASN A 91 4.33 -49.92 -17.60
CA ASN A 91 4.19 -50.16 -16.17
C ASN A 91 3.12 -49.22 -15.58
N SER A 92 2.77 -49.46 -14.31
CA SER A 92 1.87 -48.58 -13.57
C SER A 92 2.41 -48.23 -12.18
N PHE A 93 1.96 -47.11 -11.66
CA PHE A 93 2.44 -46.65 -10.37
C PHE A 93 1.37 -45.92 -9.59
N LEU A 94 1.27 -46.26 -8.31
CA LEU A 94 0.20 -45.73 -7.48
C LEU A 94 0.66 -44.59 -6.61
N TYR A 95 -0.07 -43.48 -6.63
CA TYR A 95 0.28 -42.34 -5.80
C TYR A 95 -0.66 -42.34 -4.64
N ASP A 96 -0.18 -42.77 -3.48
CA ASP A 96 -1.05 -42.99 -2.32
C ASP A 96 -0.79 -41.97 -1.27
N PHE A 97 -1.57 -40.90 -1.25
CA PHE A 97 -1.41 -39.84 -0.24
C PHE A 97 -2.74 -39.33 0.34
N THR A 98 -2.72 -39.02 1.64
CA THR A 98 -3.88 -38.42 2.28
C THR A 98 -3.69 -36.89 2.33
N VAL A 99 -4.79 -36.15 2.29
CA VAL A 99 -4.79 -34.68 2.34
C VAL A 99 -5.65 -34.21 3.48
N PRO A 100 -5.05 -34.01 4.65
CA PRO A 100 -5.86 -33.83 5.87
C PRO A 100 -6.11 -32.37 6.23
N ASP A 101 -5.20 -31.48 5.84
CA ASP A 101 -5.26 -30.09 6.28
C ASP A 101 -5.57 -29.07 5.15
N GLN A 102 -6.08 -29.57 4.01
CA GLN A 102 -6.20 -28.76 2.78
C GLN A 102 -7.56 -28.79 2.07
N ALA A 103 -8.01 -27.60 1.65
CA ALA A 103 -9.38 -27.35 1.15
C ALA A 103 -9.40 -26.29 0.06
N GLY A 104 -9.66 -26.71 -1.18
CA GLY A 104 -9.66 -25.78 -2.31
C GLY A 104 -9.14 -26.31 -3.65
N THR A 105 -8.60 -25.39 -4.45
CA THR A 105 -8.33 -25.63 -5.85
C THR A 105 -6.86 -25.87 -6.15
N PHE A 106 -6.62 -26.95 -6.87
CA PHE A 106 -5.28 -27.37 -7.25
C PHE A 106 -5.31 -27.86 -8.67
N TRP A 107 -4.17 -28.36 -9.14
CA TRP A 107 -4.07 -29.01 -10.44
C TRP A 107 -2.92 -30.00 -10.50
N TYR A 108 -2.97 -30.92 -11.44
CA TYR A 108 -1.93 -31.93 -11.55
C TYR A 108 -1.30 -31.89 -12.93
N HIS A 109 0.02 -31.99 -12.99
CA HIS A 109 0.74 -31.87 -14.26
C HIS A 109 2.03 -32.68 -14.26
N SER A 110 2.46 -33.15 -15.42
CA SER A 110 3.65 -33.96 -15.52
C SER A 110 4.82 -33.07 -15.21
N HIS A 111 5.75 -33.60 -14.41
CA HIS A 111 6.90 -32.85 -13.90
C HIS A 111 8.25 -33.29 -14.48
N LEU A 112 8.17 -34.20 -15.47
CA LEU A 112 9.32 -34.64 -16.28
C LEU A 112 9.55 -33.61 -17.37
N SER A 113 10.60 -32.80 -17.23
CA SER A 113 10.95 -31.85 -18.28
C SER A 113 9.77 -30.97 -18.66
N THR A 114 9.50 -30.87 -19.97
CA THR A 114 8.40 -30.06 -20.49
C THR A 114 7.16 -30.87 -20.92
N GLN A 115 7.04 -32.10 -20.43
CA GLN A 115 5.95 -32.95 -20.86
C GLN A 115 4.57 -32.32 -20.68
N TYR A 116 4.39 -31.51 -19.66
CA TYR A 116 3.01 -31.07 -19.38
C TYR A 116 2.48 -30.06 -20.39
N CYS A 117 3.39 -29.43 -21.10
CA CYS A 117 3.01 -28.50 -22.14
C CYS A 117 2.47 -29.29 -23.31
N ASP A 118 2.98 -30.51 -23.47
CA ASP A 118 2.51 -31.41 -24.52
C ASP A 118 1.14 -32.02 -24.23
N GLY A 119 0.57 -31.66 -23.07
CA GLY A 119 -0.81 -32.02 -22.75
C GLY A 119 -1.10 -32.60 -21.38
N LEU A 120 -0.17 -33.34 -20.80
CA LEU A 120 -0.45 -33.97 -19.52
C LEU A 120 -0.68 -32.98 -18.38
N ARG A 121 -1.79 -32.28 -18.44
CA ARG A 121 -2.19 -31.36 -17.39
C ARG A 121 -3.72 -31.40 -17.23
N GLY A 122 -4.18 -31.34 -15.97
CA GLY A 122 -5.60 -31.39 -15.62
C GLY A 122 -5.78 -30.71 -14.26
N PRO A 123 -7.01 -30.26 -13.96
CA PRO A 123 -7.37 -29.67 -12.65
C PRO A 123 -7.61 -30.72 -11.56
N LEU A 124 -7.45 -30.32 -10.29
CA LEU A 124 -7.64 -31.22 -9.14
C LEU A 124 -8.31 -30.45 -8.03
N VAL A 125 -9.51 -30.86 -7.65
CA VAL A 125 -10.19 -30.10 -6.61
C VAL A 125 -10.46 -30.90 -5.36
N VAL A 126 -10.09 -30.30 -4.24
CA VAL A 126 -10.48 -30.84 -2.94
C VAL A 126 -11.61 -29.96 -2.42
N TYR A 127 -12.69 -30.61 -1.99
CA TYR A 127 -13.83 -29.87 -1.46
C TYR A 127 -13.89 -29.95 0.06
N ASP A 128 -14.39 -28.86 0.66
CA ASP A 128 -14.55 -28.76 2.12
C ASP A 128 -16.02 -28.91 2.56
N PRO A 129 -16.36 -30.08 3.17
CA PRO A 129 -17.72 -30.37 3.65
C PRO A 129 -18.23 -29.35 4.66
N SER A 130 -17.32 -28.54 5.19
CA SER A 130 -17.73 -27.42 6.02
C SER A 130 -16.96 -26.18 5.56
N ASP A 131 -17.23 -25.79 4.32
CA ASP A 131 -16.54 -24.68 3.65
C ASP A 131 -17.07 -23.34 4.15
N PRO A 132 -16.23 -22.55 4.88
CA PRO A 132 -16.65 -21.28 5.46
C PRO A 132 -17.34 -20.31 4.49
N TYR A 133 -17.44 -20.71 3.22
CA TYR A 133 -18.04 -19.86 2.20
C TYR A 133 -19.21 -20.53 1.48
N ALA A 134 -19.68 -21.66 2.01
CA ALA A 134 -20.83 -22.39 1.40
C ALA A 134 -22.14 -21.60 1.40
N SER A 135 -22.24 -20.62 2.30
CA SER A 135 -23.36 -19.68 2.34
C SER A 135 -23.05 -18.44 1.49
N MET A 136 -22.34 -18.63 0.38
CA MET A 136 -22.02 -17.55 -0.55
C MET A 136 -22.51 -17.92 -1.95
N TYR A 137 -22.52 -19.21 -2.24
CA TYR A 137 -22.79 -19.68 -3.59
C TYR A 137 -23.75 -20.84 -3.64
N ASP A 138 -24.34 -21.10 -4.81
CA ASP A 138 -25.30 -22.18 -4.96
C ASP A 138 -24.74 -23.36 -5.71
N VAL A 139 -23.85 -23.11 -6.67
CA VAL A 139 -23.25 -24.19 -7.48
C VAL A 139 -21.72 -24.25 -7.38
N ASP A 140 -21.22 -25.47 -7.19
CA ASP A 140 -19.81 -25.76 -7.20
C ASP A 140 -19.68 -27.22 -7.60
N ASP A 141 -19.22 -27.49 -8.83
CA ASP A 141 -19.03 -28.86 -9.28
C ASP A 141 -18.14 -28.88 -10.48
N ASP A 142 -18.32 -29.91 -11.30
CA ASP A 142 -17.49 -30.14 -12.48
C ASP A 142 -17.57 -29.04 -13.56
N THR A 143 -18.75 -28.48 -13.71
CA THR A 143 -19.02 -27.50 -14.75
C THR A 143 -18.78 -26.07 -14.25
N THR A 144 -18.06 -25.98 -13.12
CA THR A 144 -17.67 -24.69 -12.55
C THR A 144 -16.14 -24.51 -12.48
N VAL A 145 -15.42 -25.54 -12.89
CA VAL A 145 -13.98 -25.44 -13.02
C VAL A 145 -13.60 -24.86 -14.39
N ILE A 146 -13.04 -23.66 -14.34
CA ILE A 146 -12.56 -22.98 -15.53
C ILE A 146 -11.04 -23.12 -15.72
N THR A 147 -10.66 -23.89 -16.74
CA THR A 147 -9.26 -24.17 -16.99
C THR A 147 -8.65 -23.31 -18.12
N LEU A 148 -7.73 -22.43 -17.72
CA LEU A 148 -6.90 -21.65 -18.65
C LEU A 148 -5.59 -22.36 -19.01
N SER A 149 -5.37 -22.58 -20.31
CA SER A 149 -4.19 -23.32 -20.83
C SER A 149 -3.70 -22.70 -22.11
N ASP A 150 -2.38 -22.64 -22.23
CA ASP A 150 -1.76 -22.21 -23.46
C ASP A 150 -1.49 -23.42 -24.33
N TRP A 151 -1.62 -23.25 -25.63
CA TRP A 151 -1.54 -24.38 -26.49
C TRP A 151 -0.55 -24.08 -27.61
N TYR A 152 0.13 -25.12 -28.07
CA TYR A 152 1.19 -24.94 -29.02
C TYR A 152 0.99 -25.85 -30.17
N HIS A 153 1.12 -25.34 -31.39
CA HIS A 153 1.05 -26.21 -32.55
C HIS A 153 2.29 -27.07 -32.76
N THR A 154 3.46 -26.52 -32.43
CA THR A 154 4.67 -27.31 -32.47
C THR A 154 4.93 -27.96 -31.10
N ALA A 155 5.53 -29.14 -31.07
CA ALA A 155 5.72 -29.89 -29.81
C ALA A 155 6.83 -29.31 -28.95
N ALA A 156 6.85 -29.70 -27.68
CA ALA A 156 7.74 -29.05 -26.74
C ALA A 156 9.18 -29.28 -27.11
N LYS A 157 9.48 -30.50 -27.49
CA LYS A 157 10.86 -30.84 -27.78
C LYS A 157 11.26 -30.37 -29.18
N LEU A 158 10.24 -30.18 -30.03
CA LEU A 158 10.45 -29.89 -31.44
C LEU A 158 10.63 -28.41 -31.76
N GLY A 159 9.98 -27.55 -31.00
CA GLY A 159 10.15 -26.09 -31.14
C GLY A 159 11.32 -25.53 -30.37
N PRO A 160 11.40 -24.23 -30.24
CA PRO A 160 12.58 -23.66 -29.65
C PRO A 160 12.56 -23.87 -28.14
N ALA A 161 13.72 -23.71 -27.51
CA ALA A 161 13.89 -23.77 -26.05
C ALA A 161 12.97 -22.80 -25.36
N PHE A 162 12.89 -21.58 -25.85
CA PHE A 162 11.97 -20.62 -25.25
C PHE A 162 10.97 -20.08 -26.28
N PRO A 163 9.80 -20.74 -26.40
CA PRO A 163 8.72 -20.29 -27.25
C PRO A 163 8.26 -18.89 -26.87
N PRO A 164 8.22 -17.95 -27.84
CA PRO A 164 7.85 -16.54 -27.64
C PRO A 164 6.38 -16.42 -27.28
N ASN A 165 5.52 -17.18 -27.93
CA ASN A 165 4.10 -17.09 -27.60
C ASN A 165 3.41 -18.44 -27.77
N ALA A 166 2.18 -18.52 -27.24
CA ALA A 166 1.34 -19.67 -27.47
C ALA A 166 0.62 -19.45 -28.78
N ASP A 167 0.32 -20.53 -29.50
CA ASP A 167 -0.45 -20.42 -30.73
C ASP A 167 -1.92 -20.09 -30.43
N SER A 168 -2.46 -20.62 -29.34
CA SER A 168 -3.84 -20.35 -28.98
C SER A 168 -3.93 -20.37 -27.47
N VAL A 169 -4.94 -19.68 -26.94
CA VAL A 169 -5.27 -19.74 -25.51
C VAL A 169 -6.55 -20.56 -25.33
N LEU A 170 -6.47 -21.67 -24.62
CA LEU A 170 -7.62 -22.55 -24.53
C LEU A 170 -8.34 -22.37 -23.20
N ILE A 171 -9.64 -22.03 -23.27
CA ILE A 171 -10.48 -22.00 -22.05
C ILE A 171 -11.29 -23.28 -22.02
N ASN A 172 -11.33 -23.96 -20.86
CA ASN A 172 -11.89 -25.31 -20.77
C ASN A 172 -11.48 -26.24 -21.92
N GLY A 173 -10.37 -25.92 -22.57
CA GLY A 173 -9.80 -26.79 -23.56
C GLY A 173 -10.26 -26.45 -24.94
N LEU A 174 -10.79 -25.26 -25.13
CA LEU A 174 -11.34 -24.88 -26.42
C LEU A 174 -11.05 -23.41 -26.68
N GLY A 175 -10.40 -23.13 -27.81
CA GLY A 175 -10.02 -21.76 -28.17
C GLY A 175 -9.76 -21.71 -29.65
N ARG A 176 -9.14 -20.62 -30.11
CA ARG A 176 -8.78 -20.49 -31.55
C ARG A 176 -7.44 -19.79 -31.74
N PHE A 177 -6.89 -19.92 -32.95
CA PHE A 177 -5.68 -19.19 -33.29
C PHE A 177 -5.87 -18.08 -34.33
N ALA A 178 -4.77 -17.56 -34.88
CA ALA A 178 -4.78 -16.39 -35.79
C ALA A 178 -5.58 -16.62 -37.05
N GLY A 179 -5.02 -17.40 -37.99
CA GLY A 179 -5.75 -17.81 -39.21
C GLY A 179 -6.68 -18.97 -38.92
N GLY A 180 -7.56 -18.79 -37.94
CA GLY A 180 -8.26 -19.88 -37.24
C GLY A 180 -9.39 -20.53 -37.98
N ASN A 181 -9.64 -21.80 -37.66
CA ASN A 181 -10.74 -22.53 -38.24
C ASN A 181 -12.10 -21.94 -37.83
N ALA A 182 -12.09 -20.96 -36.93
CA ALA A 182 -13.32 -20.41 -36.31
C ALA A 182 -14.23 -21.52 -35.73
N SER A 183 -13.63 -22.55 -35.14
CA SER A 183 -14.37 -23.69 -34.65
C SER A 183 -14.80 -23.47 -33.21
N ASP A 184 -15.36 -24.53 -32.60
CA ASP A 184 -16.12 -24.48 -31.34
C ASP A 184 -15.45 -23.66 -30.24
N LEU A 185 -16.24 -22.90 -29.51
CA LEU A 185 -15.76 -22.17 -28.34
C LEU A 185 -16.24 -22.85 -27.04
N ALA A 186 -15.73 -22.41 -25.89
CA ALA A 186 -16.15 -23.02 -24.65
C ALA A 186 -17.44 -22.36 -24.17
N VAL A 187 -18.37 -23.18 -23.71
CA VAL A 187 -19.71 -22.72 -23.29
C VAL A 187 -20.05 -22.96 -21.81
N ILE A 188 -19.99 -21.90 -21.01
CA ILE A 188 -20.30 -22.04 -19.58
C ILE A 188 -21.70 -21.52 -19.35
N THR A 189 -22.56 -22.41 -18.86
CA THR A 189 -23.98 -22.10 -18.69
C THR A 189 -24.29 -21.68 -17.25
N VAL A 190 -25.20 -20.73 -17.11
CA VAL A 190 -25.60 -20.27 -15.79
C VAL A 190 -27.12 -20.07 -15.75
N GLU A 191 -27.74 -20.27 -14.57
CA GLU A 191 -29.17 -19.94 -14.30
C GLU A 191 -29.31 -18.55 -13.61
N GLN A 192 -30.35 -17.81 -13.98
CA GLN A 192 -30.65 -16.51 -13.38
C GLN A 192 -30.77 -16.54 -11.83
N ASN A 193 -30.30 -15.48 -11.17
CA ASN A 193 -30.42 -15.31 -9.69
C ASN A 193 -29.51 -16.26 -8.84
N LYS A 194 -29.13 -17.41 -9.43
CA LYS A 194 -28.27 -18.41 -8.78
C LYS A 194 -26.78 -18.01 -8.68
N ARG A 195 -26.22 -18.10 -7.47
CA ARG A 195 -24.79 -17.85 -7.29
C ARG A 195 -23.95 -19.02 -7.85
N TYR A 196 -22.80 -18.68 -8.41
CA TYR A 196 -21.85 -19.67 -8.93
C TYR A 196 -20.47 -19.54 -8.28
N ARG A 197 -19.94 -20.65 -7.76
CA ARG A 197 -18.53 -20.74 -7.37
C ARG A 197 -17.69 -21.32 -8.53
N PHE A 198 -16.86 -20.45 -9.12
CA PHE A 198 -15.99 -20.81 -10.24
C PHE A 198 -14.56 -21.02 -9.76
N ARG A 199 -14.02 -22.18 -10.11
CA ARG A 199 -12.69 -22.53 -9.70
C ARG A 199 -11.77 -22.34 -10.92
N LEU A 200 -10.98 -21.26 -10.89
CA LEU A 200 -10.14 -20.83 -12.04
C LEU A 200 -8.72 -21.36 -11.90
N VAL A 201 -8.29 -22.14 -12.89
CA VAL A 201 -7.00 -22.83 -12.80
C VAL A 201 -6.14 -22.38 -13.96
N SER A 202 -4.89 -22.01 -13.67
CA SER A 202 -3.91 -21.69 -14.72
C SER A 202 -2.99 -22.86 -15.01
N LEU A 203 -3.30 -23.66 -16.03
CA LEU A 203 -2.38 -24.74 -16.44
C LEU A 203 -1.40 -24.26 -17.51
N SER A 204 -1.01 -23.00 -17.42
CA SER A 204 -0.13 -22.35 -18.42
C SER A 204 1.34 -22.83 -18.35
N CYS A 205 2.05 -22.71 -19.47
CA CYS A 205 3.46 -23.06 -19.48
C CYS A 205 4.31 -21.84 -19.40
N ASP A 206 3.77 -20.69 -19.80
CA ASP A 206 4.61 -19.52 -20.01
C ASP A 206 3.80 -18.28 -19.73
N PRO A 207 2.73 -18.04 -20.50
CA PRO A 207 2.08 -16.74 -20.40
C PRO A 207 1.15 -16.55 -19.21
N ASN A 208 1.06 -15.30 -18.76
CA ASN A 208 0.12 -14.96 -17.74
C ASN A 208 -1.09 -14.23 -18.33
N PHE A 209 -2.26 -14.51 -17.80
CA PHE A 209 -3.48 -14.02 -18.38
C PHE A 209 -4.06 -12.87 -17.59
N THR A 210 -4.70 -11.94 -18.26
CA THR A 210 -5.58 -10.99 -17.59
C THR A 210 -7.03 -11.42 -17.82
N PHE A 211 -7.54 -12.26 -16.89
CA PHE A 211 -8.87 -12.91 -16.94
C PHE A 211 -9.99 -12.00 -16.48
N SER A 212 -10.98 -11.87 -17.35
CA SER A 212 -12.06 -10.93 -17.12
C SER A 212 -13.30 -11.54 -17.74
N ILE A 213 -14.45 -11.11 -17.21
CA ILE A 213 -15.78 -11.46 -17.76
C ILE A 213 -16.56 -10.17 -18.07
N ASP A 214 -17.24 -10.19 -19.22
CA ASP A 214 -18.01 -9.06 -19.69
C ASP A 214 -19.26 -8.84 -18.85
N GLY A 215 -19.41 -7.61 -18.39
CA GLY A 215 -20.59 -7.13 -17.66
C GLY A 215 -20.85 -7.88 -16.37
N HIS A 216 -19.80 -8.40 -15.76
CA HIS A 216 -19.96 -9.16 -14.52
C HIS A 216 -18.85 -8.85 -13.52
N ASN A 217 -18.93 -9.47 -12.36
CA ASN A 217 -17.90 -9.30 -11.36
C ASN A 217 -17.46 -10.62 -10.75
N MET A 218 -16.25 -10.58 -10.17
CA MET A 218 -15.69 -11.74 -9.49
C MET A 218 -15.36 -11.39 -8.05
N THR A 219 -15.81 -12.28 -7.17
CA THR A 219 -15.58 -12.18 -5.74
C THR A 219 -14.64 -13.32 -5.29
N ILE A 220 -13.35 -13.00 -5.20
CA ILE A 220 -12.32 -13.98 -4.91
C ILE A 220 -12.43 -14.35 -3.47
N ILE A 221 -12.44 -15.63 -3.19
CA ILE A 221 -12.47 -16.11 -1.82
C ILE A 221 -11.25 -16.96 -1.54
N GLU A 222 -10.71 -17.55 -2.61
CA GLU A 222 -9.59 -18.50 -2.57
C GLU A 222 -8.46 -18.16 -3.54
N VAL A 223 -7.23 -18.10 -3.03
CA VAL A 223 -6.02 -17.99 -3.87
C VAL A 223 -5.00 -19.10 -3.59
N ASP A 224 -4.70 -19.89 -4.63
CA ASP A 224 -3.80 -21.06 -4.58
C ASP A 224 -4.07 -22.07 -3.46
N GLY A 225 -5.33 -22.39 -3.25
CA GLY A 225 -5.67 -23.39 -2.27
C GLY A 225 -6.12 -22.74 -0.98
N VAL A 226 -5.42 -21.67 -0.59
CA VAL A 226 -5.64 -21.02 0.69
C VAL A 226 -6.89 -20.10 0.71
N ASN A 227 -7.74 -20.26 1.74
CA ASN A 227 -8.94 -19.45 1.96
C ASN A 227 -8.63 -18.02 2.35
N HIS A 228 -9.20 -17.07 1.61
CA HIS A 228 -8.96 -15.65 1.87
C HIS A 228 -10.23 -14.83 2.03
N GLU A 229 -10.09 -13.70 2.71
CA GLU A 229 -11.19 -12.74 2.90
C GLU A 229 -11.76 -12.29 1.54
N PRO A 230 -13.12 -12.28 1.37
CA PRO A 230 -13.76 -11.94 0.08
C PRO A 230 -13.33 -10.60 -0.52
N LEU A 231 -13.02 -10.61 -1.83
CA LEU A 231 -12.51 -9.46 -2.59
C LEU A 231 -13.33 -9.14 -3.85
N GLU A 232 -13.69 -7.86 -3.94
CA GLU A 232 -14.38 -7.29 -5.10
C GLU A 232 -13.37 -7.10 -6.25
N VAL A 233 -13.63 -7.81 -7.35
CA VAL A 233 -12.71 -7.80 -8.47
C VAL A 233 -13.41 -7.77 -9.84
N ASP A 234 -12.85 -6.94 -10.73
CA ASP A 234 -13.22 -6.85 -12.16
C ASP A 234 -12.41 -7.82 -13.04
N SER A 235 -11.08 -7.72 -12.99
CA SER A 235 -10.17 -8.61 -13.75
C SER A 235 -9.04 -9.23 -12.93
N ILE A 236 -8.75 -10.48 -13.24
CA ILE A 236 -7.78 -11.27 -12.50
C ILE A 236 -6.54 -11.54 -13.32
N GLN A 237 -5.41 -10.98 -12.90
CA GLN A 237 -4.09 -11.37 -13.44
C GLN A 237 -3.53 -12.67 -12.82
N ILE A 238 -3.75 -13.75 -13.55
CA ILE A 238 -3.40 -15.04 -13.03
C ILE A 238 -2.17 -15.59 -13.75
N PHE A 239 -1.05 -15.63 -13.02
CA PHE A 239 0.23 -16.17 -13.53
C PHE A 239 0.26 -17.69 -13.56
N ALA A 240 1.24 -18.30 -14.24
CA ALA A 240 1.25 -19.76 -14.41
C ALA A 240 1.08 -20.54 -13.09
N SER A 241 0.22 -21.56 -13.11
CA SER A 241 0.02 -22.48 -11.98
C SER A 241 -0.77 -21.93 -10.82
N GLN A 242 -1.06 -20.64 -10.82
CA GLN A 242 -1.88 -20.04 -9.77
C GLN A 242 -3.35 -20.48 -9.92
N ARG A 243 -4.12 -20.42 -8.82
CA ARG A 243 -5.56 -20.67 -8.86
C ARG A 243 -6.35 -19.62 -8.08
N TYR A 244 -7.56 -19.35 -8.55
CA TYR A 244 -8.46 -18.45 -7.86
C TYR A 244 -9.85 -19.01 -7.92
N SER A 245 -10.58 -18.89 -6.81
CA SER A 245 -11.98 -19.20 -6.77
C SER A 245 -12.71 -17.91 -6.56
N PHE A 246 -13.64 -17.64 -7.47
CA PHE A 246 -14.50 -16.46 -7.41
C PHE A 246 -15.97 -16.85 -7.49
N VAL A 247 -16.77 -16.17 -6.68
CA VAL A 247 -18.19 -16.35 -6.72
C VAL A 247 -18.83 -15.24 -7.55
N LEU A 248 -19.50 -15.66 -8.62
CA LEU A 248 -20.15 -14.77 -9.55
C LEU A 248 -21.66 -14.79 -9.28
N ASN A 249 -22.20 -13.60 -9.00
CA ASN A 249 -23.64 -13.40 -8.78
C ASN A 249 -24.38 -13.15 -10.10
N ALA A 250 -24.96 -14.22 -10.66
CA ALA A 250 -25.72 -14.17 -11.94
C ALA A 250 -27.00 -13.27 -11.92
N THR A 251 -26.75 -11.97 -12.10
CA THR A 251 -27.76 -10.92 -11.87
C THR A 251 -28.12 -10.13 -13.15
N GLN A 252 -27.46 -10.47 -14.27
CA GLN A 252 -27.66 -9.75 -15.54
C GLN A 252 -28.71 -10.39 -16.47
N SER A 253 -29.31 -9.59 -17.36
CA SER A 253 -30.33 -10.09 -18.29
C SER A 253 -29.87 -11.29 -19.10
N VAL A 254 -30.80 -12.18 -19.42
CA VAL A 254 -30.49 -13.47 -20.09
C VAL A 254 -29.84 -13.27 -21.45
N ASP A 255 -28.51 -13.27 -21.47
CA ASP A 255 -27.73 -12.90 -22.66
C ASP A 255 -26.43 -13.72 -22.72
N ASN A 256 -25.78 -13.68 -23.88
CA ASN A 256 -24.50 -14.30 -24.06
C ASN A 256 -23.42 -13.26 -23.76
N TYR A 257 -22.51 -13.59 -22.83
CA TYR A 257 -21.38 -12.72 -22.48
C TYR A 257 -20.05 -13.41 -22.80
N TRP A 258 -19.02 -12.59 -23.05
CA TRP A 258 -17.65 -13.08 -23.33
C TRP A 258 -16.85 -13.37 -22.06
N ILE A 259 -16.23 -14.54 -22.02
CA ILE A 259 -15.29 -14.84 -20.98
C ILE A 259 -13.94 -14.67 -21.63
N ARG A 260 -13.19 -13.69 -21.13
CA ARG A 260 -11.96 -13.22 -21.76
C ARG A 260 -10.73 -13.58 -20.95
N ALA A 261 -9.71 -14.05 -21.67
CA ALA A 261 -8.42 -14.39 -21.07
C ALA A 261 -7.18 -13.91 -21.91
N ILE A 262 -6.99 -12.59 -21.94
CA ILE A 262 -5.87 -11.98 -22.63
C ILE A 262 -4.51 -12.39 -21.98
N PRO A 263 -3.63 -13.01 -22.77
CA PRO A 263 -2.29 -13.29 -22.28
C PRO A 263 -1.39 -12.06 -22.34
N ASN A 264 -0.28 -12.04 -21.60
CA ASN A 264 0.62 -10.88 -21.58
C ASN A 264 1.48 -10.84 -22.84
N THR A 265 1.82 -12.02 -23.34
CA THR A 265 2.57 -12.10 -24.56
C THR A 265 1.71 -12.79 -25.58
N GLY A 266 2.02 -12.54 -26.85
CA GLY A 266 1.33 -13.19 -27.95
C GLY A 266 0.34 -12.28 -28.66
N THR A 267 -0.59 -12.91 -29.35
CA THR A 267 -1.63 -12.17 -30.07
C THR A 267 -2.76 -11.66 -29.14
N ILE A 268 -2.63 -10.39 -28.73
CA ILE A 268 -3.60 -9.71 -27.86
C ILE A 268 -4.68 -9.00 -28.73
N ASP A 269 -5.90 -9.59 -28.78
CA ASP A 269 -7.02 -9.05 -29.60
C ASP A 269 -8.26 -9.99 -29.65
N THR A 270 -9.40 -9.51 -29.16
CA THR A 270 -10.65 -10.31 -29.14
C THR A 270 -11.28 -10.59 -30.52
N THR A 271 -11.03 -9.70 -31.52
CA THR A 271 -11.50 -9.88 -32.91
C THR A 271 -11.12 -11.28 -33.46
N GLY A 272 -12.13 -12.00 -33.93
CA GLY A 272 -11.92 -13.35 -34.46
C GLY A 272 -12.50 -14.43 -33.57
N GLY A 273 -12.85 -14.03 -32.34
CA GLY A 273 -13.26 -14.98 -31.28
C GLY A 273 -12.10 -15.72 -30.62
N LEU A 274 -10.89 -15.16 -30.75
CA LEU A 274 -9.65 -15.67 -30.15
C LEU A 274 -9.55 -15.28 -28.64
N ASN A 275 -8.99 -16.16 -27.82
CA ASN A 275 -8.81 -15.92 -26.37
C ASN A 275 -10.13 -15.66 -25.67
N SER A 276 -11.13 -16.43 -26.03
CA SER A 276 -12.48 -16.19 -25.57
C SER A 276 -13.29 -17.46 -25.26
N ALA A 277 -14.22 -17.34 -24.31
CA ALA A 277 -15.20 -18.39 -24.06
C ALA A 277 -16.60 -17.79 -23.83
N ILE A 278 -17.65 -18.60 -23.96
CA ILE A 278 -19.02 -18.09 -23.85
C ILE A 278 -19.67 -18.34 -22.48
N LEU A 279 -20.10 -17.24 -21.85
CA LEU A 279 -20.93 -17.28 -20.66
C LEU A 279 -22.38 -17.11 -21.08
N ARG A 280 -23.14 -18.20 -21.00
CA ARG A 280 -24.51 -18.25 -21.50
C ARG A 280 -25.55 -18.49 -20.40
N TYR A 281 -26.32 -17.44 -20.10
CA TYR A 281 -27.47 -17.63 -19.23
C TYR A 281 -28.49 -18.59 -19.88
N SER A 282 -28.93 -19.58 -19.12
CA SER A 282 -29.93 -20.53 -19.60
C SER A 282 -31.17 -19.87 -20.14
N GLY A 283 -31.42 -20.12 -21.44
CA GLY A 283 -32.59 -19.62 -22.14
C GLY A 283 -32.28 -18.59 -23.23
N ALA A 284 -31.04 -18.09 -23.28
CA ALA A 284 -30.63 -17.14 -24.32
C ALA A 284 -30.20 -17.91 -25.59
N ASP A 285 -30.25 -17.25 -26.74
CA ASP A 285 -30.03 -17.90 -28.04
C ASP A 285 -28.61 -18.46 -28.21
N ILE A 286 -28.55 -19.62 -28.87
CA ILE A 286 -27.30 -20.28 -29.17
C ILE A 286 -26.43 -19.48 -30.19
N VAL A 287 -26.09 -18.23 -29.85
CA VAL A 287 -25.26 -17.34 -30.69
C VAL A 287 -23.94 -16.90 -30.01
N ASP A 288 -23.05 -16.28 -30.77
CA ASP A 288 -21.87 -15.70 -30.17
C ASP A 288 -22.20 -14.38 -29.48
N PRO A 289 -21.67 -14.17 -28.26
CA PRO A 289 -21.82 -12.95 -27.47
C PRO A 289 -21.48 -11.70 -28.27
N THR A 290 -22.23 -10.63 -28.03
CA THR A 290 -21.98 -9.36 -28.71
C THR A 290 -21.48 -8.35 -27.68
N ALA A 291 -21.21 -8.85 -26.46
CA ALA A 291 -20.83 -8.04 -25.29
C ALA A 291 -19.48 -7.40 -25.51
N ASN A 292 -19.27 -6.21 -24.92
CA ASN A 292 -18.01 -5.46 -25.09
C ASN A 292 -17.22 -5.39 -23.79
N ALA A 293 -15.89 -5.35 -23.90
CA ALA A 293 -15.05 -5.35 -22.70
C ALA A 293 -14.76 -3.93 -22.21
N THR A 294 -15.24 -3.60 -21.01
CA THR A 294 -14.98 -2.27 -20.42
C THR A 294 -13.61 -2.20 -19.73
N THR A 295 -13.16 -0.99 -19.41
CA THR A 295 -11.91 -0.83 -18.67
C THR A 295 -12.02 -1.37 -17.23
N SER A 296 -10.91 -1.86 -16.66
CA SER A 296 -10.91 -2.39 -15.27
C SER A 296 -10.52 -1.32 -14.24
N VAL A 297 -11.50 -1.03 -13.38
CA VAL A 297 -11.35 -0.04 -12.32
C VAL A 297 -11.15 -0.72 -10.96
N ILE A 298 -11.68 -1.93 -10.81
CA ILE A 298 -11.42 -2.73 -9.62
C ILE A 298 -10.75 -4.04 -9.98
N PRO A 299 -9.45 -3.98 -10.31
CA PRO A 299 -8.74 -5.18 -10.74
C PRO A 299 -8.06 -5.91 -9.56
N LEU A 300 -7.60 -7.13 -9.81
CA LEU A 300 -6.92 -7.87 -8.78
C LEU A 300 -5.56 -7.24 -8.49
N VAL A 301 -5.39 -6.80 -7.24
CA VAL A 301 -4.08 -6.41 -6.71
C VAL A 301 -3.62 -7.42 -5.63
N GLU A 302 -2.41 -7.97 -5.75
CA GLU A 302 -1.92 -8.97 -4.81
C GLU A 302 -1.87 -8.44 -3.37
N THR A 303 -1.36 -7.23 -3.23
CA THR A 303 -1.18 -6.68 -1.92
C THR A 303 -2.51 -6.47 -1.14
N ASP A 304 -3.61 -6.49 -1.88
CA ASP A 304 -4.94 -6.29 -1.29
C ASP A 304 -5.54 -7.59 -0.71
N LEU A 305 -4.98 -8.73 -1.13
CA LEU A 305 -5.50 -10.05 -0.73
C LEU A 305 -5.05 -10.34 0.69
N VAL A 306 -6.03 -10.66 1.55
CA VAL A 306 -5.77 -11.00 2.97
C VAL A 306 -6.30 -12.39 3.30
N PRO A 307 -5.47 -13.18 3.99
CA PRO A 307 -5.81 -14.55 4.35
C PRO A 307 -6.98 -14.64 5.31
N LEU A 308 -7.82 -15.66 5.14
CA LEU A 308 -9.01 -15.77 5.96
C LEU A 308 -8.71 -16.16 7.39
N ASP A 309 -7.88 -17.20 7.53
CA ASP A 309 -7.42 -17.65 8.83
C ASP A 309 -5.92 -17.49 9.01
N SER A 310 -5.47 -17.33 10.26
CA SER A 310 -4.02 -17.22 10.58
C SER A 310 -3.26 -16.34 9.58
N PRO A 311 -3.59 -15.04 9.55
CA PRO A 311 -3.08 -14.16 8.49
C PRO A 311 -1.63 -13.71 8.70
N ALA A 312 -1.18 -13.68 9.96
CA ALA A 312 0.15 -13.15 10.25
C ALA A 312 1.22 -14.05 9.65
N ALA A 313 2.25 -13.44 9.06
CA ALA A 313 3.35 -14.22 8.53
C ALA A 313 4.30 -14.62 9.62
N PRO A 314 4.90 -15.83 9.51
CA PRO A 314 5.89 -16.29 10.49
C PRO A 314 7.12 -15.37 10.53
N GLY A 315 7.86 -15.38 11.66
CA GLY A 315 8.95 -14.42 11.85
C GLY A 315 8.41 -13.11 12.40
N ASP A 316 9.23 -12.43 13.20
CA ASP A 316 8.94 -11.07 13.65
C ASP A 316 9.01 -10.04 12.46
N PRO A 317 8.07 -9.07 12.39
CA PRO A 317 8.04 -8.03 11.34
C PRO A 317 9.30 -7.18 11.19
N VAL A 318 10.34 -7.78 10.60
CA VAL A 318 11.58 -7.09 10.33
C VAL A 318 12.17 -7.68 9.04
N VAL A 319 12.83 -6.84 8.24
CA VAL A 319 13.59 -7.29 7.08
C VAL A 319 14.77 -8.08 7.63
N GLY A 320 14.69 -9.40 7.56
CA GLY A 320 15.77 -10.26 8.02
C GLY A 320 15.35 -10.98 9.28
N GLY A 321 14.28 -10.48 9.91
CA GLY A 321 13.76 -11.04 11.18
C GLY A 321 13.16 -12.43 11.08
N VAL A 322 14.03 -13.41 10.91
CA VAL A 322 13.62 -14.75 10.56
C VAL A 322 14.76 -15.70 10.92
N ASP A 323 14.46 -17.00 11.04
CA ASP A 323 15.49 -17.95 11.45
C ASP A 323 16.55 -18.18 10.42
N LEU A 324 16.15 -18.41 9.17
CA LEU A 324 17.11 -18.51 8.07
C LEU A 324 16.69 -17.65 6.88
N ALA A 325 17.41 -16.53 6.66
CA ALA A 325 17.25 -15.64 5.48
C ALA A 325 18.15 -16.06 4.29
N MET A 326 17.55 -16.15 3.12
CA MET A 326 18.31 -16.53 1.97
C MET A 326 17.84 -15.71 0.79
N ASN A 327 18.81 -15.14 0.08
CA ASN A 327 18.54 -14.34 -1.11
C ASN A 327 19.04 -15.06 -2.35
N LEU A 328 18.24 -15.06 -3.42
CA LEU A 328 18.59 -15.78 -4.65
C LEU A 328 19.14 -14.87 -5.71
N ASP A 329 20.42 -15.02 -6.03
CA ASP A 329 21.06 -14.19 -7.07
C ASP A 329 20.78 -14.80 -8.44
N PHE A 330 20.01 -14.10 -9.27
CA PHE A 330 19.69 -14.63 -10.57
C PHE A 330 20.63 -14.19 -11.70
N SER A 331 20.60 -14.95 -12.79
CA SER A 331 21.40 -14.67 -13.96
C SER A 331 21.05 -15.65 -15.06
N PHE A 332 21.47 -15.31 -16.27
CA PHE A 332 21.14 -16.06 -17.47
C PHE A 332 22.32 -15.98 -18.49
N ASN A 333 22.76 -17.13 -19.01
CA ASN A 333 23.94 -17.16 -19.86
C ASN A 333 23.62 -17.39 -21.35
N GLY A 334 22.33 -17.38 -21.70
CA GLY A 334 21.96 -17.49 -23.11
C GLY A 334 21.09 -18.70 -23.35
N THR A 335 21.51 -19.82 -22.76
CA THR A 335 20.74 -21.06 -22.76
C THR A 335 20.17 -21.47 -21.40
N ASN A 336 20.92 -21.20 -20.35
CA ASN A 336 20.52 -21.64 -19.04
C ASN A 336 20.37 -20.53 -18.02
N PHE A 337 19.43 -20.72 -17.10
CA PHE A 337 19.18 -19.79 -16.01
C PHE A 337 20.01 -20.23 -14.84
N PHE A 338 20.35 -19.28 -13.97
CA PHE A 338 21.19 -19.56 -12.80
C PHE A 338 20.70 -18.95 -11.48
N ILE A 339 20.62 -19.79 -10.45
CA ILE A 339 20.36 -19.32 -9.08
C ILE A 339 21.61 -19.53 -8.22
N ASN A 340 22.17 -18.45 -7.72
CA ASN A 340 23.42 -18.47 -6.99
C ASN A 340 24.52 -19.13 -7.75
N ASN A 341 24.72 -18.67 -8.97
CA ASN A 341 25.82 -19.10 -9.81
C ASN A 341 25.65 -20.58 -10.14
N GLU A 342 24.47 -21.13 -9.88
CA GLU A 342 24.28 -22.53 -10.19
C GLU A 342 22.99 -22.78 -10.94
N THR A 343 22.96 -23.85 -11.76
CA THR A 343 21.76 -24.23 -12.53
C THR A 343 21.27 -25.66 -12.19
N LEU A 344 19.97 -25.93 -12.25
CA LEU A 344 19.57 -27.28 -11.90
C LEU A 344 19.68 -28.21 -13.10
N ILE A 345 20.78 -28.99 -13.19
CA ILE A 345 20.87 -30.13 -14.13
C ILE A 345 20.61 -31.52 -13.39
N PRO A 346 19.39 -32.09 -13.59
CA PRO A 346 18.83 -33.15 -12.74
C PRO A 346 19.70 -34.39 -12.62
N PRO A 347 20.02 -34.78 -11.38
CA PRO A 347 20.93 -35.87 -11.00
C PRO A 347 20.39 -37.24 -11.40
N THR A 348 21.26 -38.25 -11.43
CA THR A 348 20.87 -39.61 -11.84
C THR A 348 20.02 -40.26 -10.77
N VAL A 349 20.35 -39.91 -9.53
CA VAL A 349 19.68 -40.47 -8.37
C VAL A 349 18.86 -39.34 -7.78
N PRO A 350 17.55 -39.58 -7.57
CA PRO A 350 16.70 -38.53 -7.01
C PRO A 350 17.19 -37.93 -5.70
N VAL A 351 17.04 -36.62 -5.54
CA VAL A 351 17.36 -35.96 -4.29
C VAL A 351 16.85 -36.78 -3.06
N LEU A 352 15.58 -37.21 -3.12
CA LEU A 352 14.96 -38.05 -2.05
C LEU A 352 15.79 -39.29 -1.81
N LEU A 353 15.98 -40.08 -2.87
CA LEU A 353 16.68 -41.33 -2.75
C LEU A 353 18.03 -41.12 -2.13
N GLN A 354 18.65 -39.97 -2.42
CA GLN A 354 20.02 -39.70 -1.97
C GLN A 354 20.11 -39.64 -0.43
N ILE A 355 19.01 -39.16 0.14
CA ILE A 355 18.91 -38.96 1.55
C ILE A 355 18.58 -40.34 2.17
N LEU A 356 17.68 -41.05 1.52
CA LEU A 356 17.45 -42.37 1.98
C LEU A 356 18.68 -43.27 1.80
N SER A 357 19.65 -42.80 1.03
CA SER A 357 20.90 -43.55 0.80
C SER A 357 21.93 -43.18 1.85
N GLY A 358 21.66 -42.10 2.57
CA GLY A 358 22.41 -41.81 3.76
C GLY A 358 23.09 -40.48 3.69
N ALA A 359 22.78 -39.76 2.60
CA ALA A 359 23.28 -38.39 2.38
C ALA A 359 22.57 -37.42 3.32
N GLN A 360 23.30 -36.43 3.82
CA GLN A 360 22.73 -35.54 4.84
C GLN A 360 23.06 -34.09 4.58
N SER A 361 24.34 -33.80 4.34
CA SER A 361 24.75 -32.40 4.25
C SER A 361 24.61 -31.91 2.84
N ALA A 362 24.55 -30.60 2.70
CA ALA A 362 24.42 -29.99 1.38
C ALA A 362 25.60 -30.34 0.48
N SER A 363 26.78 -30.53 1.08
CA SER A 363 27.95 -30.98 0.32
C SER A 363 27.79 -32.41 -0.27
N ASP A 364 26.90 -33.21 0.31
CA ASP A 364 26.80 -34.63 -0.07
C ASP A 364 25.61 -34.85 -0.98
N LEU A 365 24.81 -33.81 -1.16
CA LEU A 365 23.64 -33.92 -2.04
C LEU A 365 23.92 -33.45 -3.48
N LEU A 366 23.25 -34.12 -4.42
CA LEU A 366 23.36 -33.78 -5.83
C LEU A 366 22.00 -33.33 -6.40
N PRO A 367 22.00 -32.37 -7.36
CA PRO A 367 23.17 -31.74 -7.97
C PRO A 367 23.83 -30.80 -7.00
N THR A 368 25.13 -30.66 -7.16
CA THR A 368 25.87 -29.88 -6.21
C THR A 368 25.68 -28.37 -6.43
N GLY A 369 25.61 -27.64 -5.32
CA GLY A 369 25.44 -26.20 -5.36
C GLY A 369 24.00 -25.78 -5.54
N SER A 370 23.11 -26.76 -5.57
CA SER A 370 21.69 -26.50 -5.88
C SER A 370 20.72 -27.08 -4.83
N VAL A 371 21.23 -27.94 -3.96
CA VAL A 371 20.40 -28.50 -2.91
C VAL A 371 20.76 -27.78 -1.63
N TYR A 372 19.83 -27.00 -1.11
CA TYR A 372 20.03 -26.31 0.18
C TYR A 372 19.39 -27.11 1.33
N THR A 373 20.06 -27.13 2.50
CA THR A 373 19.52 -27.83 3.66
C THR A 373 18.82 -26.83 4.54
N LEU A 374 17.62 -27.20 4.98
CA LEU A 374 16.83 -26.36 5.85
C LEU A 374 16.50 -27.16 7.11
N PRO A 375 16.76 -26.60 8.30
CA PRO A 375 16.38 -27.25 9.55
C PRO A 375 14.91 -27.09 9.83
N LEU A 376 14.32 -27.98 10.59
CA LEU A 376 12.90 -27.91 10.81
C LEU A 376 12.46 -26.78 11.69
N ASN A 377 11.19 -26.78 11.99
CA ASN A 377 10.70 -25.79 12.96
C ASN A 377 11.51 -24.48 13.01
N SER A 378 12.23 -24.17 11.94
CA SER A 378 12.87 -22.88 11.76
C SER A 378 12.07 -22.10 10.71
N THR A 379 12.07 -20.78 10.81
CA THR A 379 11.36 -19.91 9.87
C THR A 379 12.30 -19.39 8.78
N ILE A 380 11.84 -19.52 7.54
CA ILE A 380 12.63 -19.14 6.37
C ILE A 380 12.05 -17.98 5.55
N GLU A 381 12.94 -17.04 5.18
CA GLU A 381 12.62 -15.90 4.35
C GLU A 381 13.40 -15.89 3.04
N LEU A 382 12.69 -16.02 1.94
CA LEU A 382 13.33 -16.02 0.65
C LEU A 382 13.01 -14.72 -0.07
N SER A 383 13.93 -14.29 -0.90
CA SER A 383 13.77 -13.05 -1.67
C SER A 383 14.26 -13.22 -3.11
N PHE A 384 13.44 -12.79 -4.06
CA PHE A 384 13.70 -12.96 -5.51
C PHE A 384 13.87 -11.61 -6.24
N PRO A 385 15.05 -10.99 -6.10
CA PRO A 385 15.15 -9.72 -6.73
C PRO A 385 15.35 -9.84 -8.25
N ILE A 386 14.43 -9.26 -9.02
CA ILE A 386 14.63 -8.98 -10.46
C ILE A 386 15.28 -7.59 -10.64
N THR A 387 16.61 -7.57 -10.84
CA THR A 387 17.35 -6.31 -10.92
C THR A 387 17.72 -5.96 -12.35
N THR A 388 17.78 -4.65 -12.61
CA THR A 388 18.22 -4.09 -13.87
C THR A 388 19.76 -4.04 -14.08
N VAL A 389 20.54 -4.28 -13.01
CA VAL A 389 22.03 -4.33 -13.01
C VAL A 389 22.59 -3.02 -13.58
N ASN A 390 23.87 -3.04 -14.01
CA ASN A 390 24.54 -1.85 -14.62
C ASN A 390 23.94 -1.44 -16.01
N GLY A 391 23.53 -2.45 -16.76
CA GLY A 391 22.73 -2.26 -17.95
C GLY A 391 22.48 -3.65 -18.50
N VAL A 392 22.52 -4.66 -17.61
CA VAL A 392 22.45 -6.08 -18.02
C VAL A 392 21.05 -6.72 -17.86
N THR A 393 20.41 -6.45 -16.71
CA THR A 393 19.12 -7.08 -16.29
C THR A 393 19.11 -8.62 -16.23
N ASN A 394 19.46 -9.16 -15.06
CA ASN A 394 19.42 -10.61 -14.82
C ASN A 394 18.02 -11.23 -14.92
N ALA A 395 17.94 -12.50 -15.28
CA ALA A 395 16.63 -13.20 -15.42
C ALA A 395 15.66 -12.59 -16.43
N PRO A 396 16.04 -12.47 -17.71
CA PRO A 396 15.06 -11.99 -18.67
C PRO A 396 13.96 -13.03 -18.86
N GLY A 397 12.88 -12.65 -19.50
CA GLY A 397 11.76 -13.56 -19.62
C GLY A 397 10.75 -13.30 -18.52
N ALA A 398 10.98 -12.20 -17.79
CA ALA A 398 10.07 -11.73 -16.76
C ALA A 398 8.61 -11.46 -17.27
N PRO A 399 7.63 -11.48 -16.35
CA PRO A 399 7.72 -11.80 -14.93
C PRO A 399 7.78 -13.31 -14.73
N HIS A 400 8.46 -13.77 -13.67
CA HIS A 400 8.61 -15.21 -13.37
C HIS A 400 7.81 -15.66 -12.17
N PRO A 401 6.88 -16.61 -12.34
CA PRO A 401 6.09 -17.04 -11.22
C PRO A 401 6.76 -18.23 -10.55
N PHE A 402 7.33 -17.99 -9.36
CA PHE A 402 8.08 -18.99 -8.59
C PHE A 402 7.15 -19.77 -7.71
N HIS A 403 7.33 -21.08 -7.72
CA HIS A 403 6.48 -21.98 -6.95
C HIS A 403 7.33 -22.75 -5.95
N LEU A 404 6.84 -22.91 -4.73
CA LEU A 404 7.55 -23.70 -3.74
C LEU A 404 6.76 -24.91 -3.45
N HIS A 405 7.35 -26.09 -3.69
CA HIS A 405 6.71 -27.38 -3.44
C HIS A 405 6.60 -27.72 -1.95
N GLY A 406 5.45 -28.29 -1.55
CA GLY A 406 5.28 -28.78 -0.17
C GLY A 406 5.10 -27.69 0.88
N HIS A 407 4.86 -26.47 0.43
CA HIS A 407 4.63 -25.37 1.35
C HIS A 407 3.71 -24.31 0.77
N ALA A 408 2.96 -23.69 1.65
CA ALA A 408 2.22 -22.50 1.31
C ALA A 408 2.92 -21.32 1.97
N PHE A 409 3.37 -20.33 1.20
CA PHE A 409 4.14 -19.26 1.81
C PHE A 409 3.36 -17.96 1.90
N SER A 410 3.74 -17.14 2.89
CA SER A 410 3.21 -15.78 3.02
C SER A 410 4.08 -14.91 2.14
N VAL A 411 3.44 -14.21 1.20
CA VAL A 411 4.14 -13.26 0.34
C VAL A 411 4.21 -11.91 1.07
N VAL A 412 5.29 -11.67 1.81
CA VAL A 412 5.39 -10.42 2.57
C VAL A 412 5.60 -9.20 1.68
N ARG A 413 6.32 -9.36 0.57
CA ARG A 413 6.49 -8.24 -0.37
C ARG A 413 6.13 -8.69 -1.77
N SER A 414 5.10 -8.08 -2.35
CA SER A 414 4.61 -8.45 -3.67
C SER A 414 5.23 -7.67 -4.83
N ALA A 415 5.03 -8.16 -6.05
CA ALA A 415 5.53 -7.48 -7.23
C ALA A 415 4.80 -6.17 -7.39
N GLY A 416 5.53 -5.17 -7.86
CA GLY A 416 4.96 -3.89 -8.16
C GLY A 416 4.88 -2.96 -6.97
N SER A 417 5.23 -3.47 -5.80
CA SER A 417 5.21 -2.66 -4.58
C SER A 417 6.49 -2.88 -3.79
N SER A 418 6.83 -1.92 -2.95
CA SER A 418 8.02 -2.09 -2.12
C SER A 418 7.67 -2.14 -0.66
N ASP A 419 6.43 -1.86 -0.35
CA ASP A 419 6.02 -2.05 1.01
C ASP A 419 6.05 -3.52 1.37
N TYR A 420 6.42 -3.76 2.64
CA TYR A 420 6.38 -5.06 3.31
C TYR A 420 5.15 -5.23 4.22
N ASN A 421 4.51 -6.37 4.13
CA ASN A 421 3.36 -6.67 4.95
C ASN A 421 3.59 -7.92 5.77
N TYR A 422 3.58 -7.77 7.09
CA TYR A 422 3.83 -8.92 7.95
C TYR A 422 2.62 -9.27 8.79
N VAL A 423 1.67 -8.35 8.81
CA VAL A 423 0.50 -8.48 9.68
C VAL A 423 -0.54 -9.42 9.06
N ASN A 424 -0.78 -9.24 7.76
CA ASN A 424 -1.77 -10.07 7.04
C ASN A 424 -1.51 -10.19 5.52
N PRO A 425 -0.27 -10.60 5.11
CA PRO A 425 0.05 -10.79 3.69
C PRO A 425 -0.62 -12.01 3.09
N VAL A 426 -0.78 -12.01 1.77
CA VAL A 426 -1.41 -13.14 1.06
C VAL A 426 -0.62 -14.43 1.14
N ARG A 427 -1.33 -15.54 1.17
CA ARG A 427 -0.68 -16.83 1.35
C ARG A 427 -0.92 -17.76 0.15
N ARG A 428 0.14 -18.10 -0.57
CA ARG A 428 -0.05 -18.86 -1.77
C ARG A 428 1.17 -19.71 -2.08
N ASP A 429 1.02 -20.56 -3.11
CA ASP A 429 2.06 -21.55 -3.48
C ASP A 429 2.84 -21.16 -4.75
N THR A 430 2.40 -20.09 -5.39
CA THR A 430 3.19 -19.52 -6.45
C THR A 430 2.98 -18.01 -6.65
N VAL A 431 4.08 -17.28 -6.60
CA VAL A 431 3.97 -15.85 -6.73
C VAL A 431 4.82 -15.35 -7.90
N SER A 432 4.32 -14.32 -8.58
CA SER A 432 5.07 -13.61 -9.59
C SER A 432 6.19 -12.79 -8.96
N THR A 433 7.40 -12.96 -9.48
CA THR A 433 8.57 -12.19 -9.06
C THR A 433 8.63 -10.79 -9.67
N GLY A 434 7.74 -10.51 -10.63
CA GLY A 434 7.56 -9.18 -11.23
C GLY A 434 8.60 -8.68 -12.23
N ASN A 435 8.71 -7.36 -12.33
CA ASN A 435 9.63 -6.73 -13.24
C ASN A 435 10.78 -6.07 -12.53
N PRO A 436 11.88 -5.74 -13.23
CA PRO A 436 13.07 -5.16 -12.59
C PRO A 436 12.71 -4.07 -11.60
N GLY A 437 13.39 -4.06 -10.45
CA GLY A 437 13.01 -3.24 -9.28
C GLY A 437 12.08 -3.90 -8.24
N ASP A 438 11.65 -5.13 -8.49
CA ASP A 438 10.79 -5.81 -7.55
C ASP A 438 11.66 -6.77 -6.78
N ASN A 439 11.74 -6.62 -5.47
CA ASN A 439 12.47 -7.57 -4.63
C ASN A 439 11.48 -8.52 -3.92
N VAL A 440 10.52 -9.08 -4.66
CA VAL A 440 9.54 -10.05 -4.13
C VAL A 440 10.12 -10.97 -3.01
N THR A 441 9.57 -10.86 -1.80
CA THR A 441 10.11 -11.59 -0.66
C THR A 441 9.00 -12.43 -0.09
N ILE A 442 9.29 -13.71 0.18
CA ILE A 442 8.30 -14.64 0.75
C ILE A 442 8.84 -15.32 1.98
N ARG A 443 7.92 -15.71 2.87
CA ARG A 443 8.25 -16.36 4.16
C ARG A 443 7.38 -17.60 4.38
N PHE A 444 7.98 -18.63 4.94
CA PHE A 444 7.25 -19.88 5.21
C PHE A 444 8.02 -20.60 6.28
N THR A 445 7.29 -21.39 7.05
CA THR A 445 7.88 -22.16 8.15
C THR A 445 8.20 -23.63 7.78
N THR A 446 9.28 -24.18 8.34
CA THR A 446 9.72 -25.50 7.88
C THR A 446 9.00 -26.57 8.65
N ASP A 447 7.83 -26.96 8.17
CA ASP A 447 6.99 -27.87 8.92
C ASP A 447 6.83 -29.13 8.12
N ASN A 448 7.76 -29.35 7.20
CA ASN A 448 7.63 -30.49 6.33
C ASN A 448 8.96 -31.17 6.02
N ALA A 449 9.08 -32.41 6.46
CA ALA A 449 10.33 -33.12 6.26
C ALA A 449 10.41 -33.70 4.87
N GLY A 450 11.60 -33.67 4.29
CA GLY A 450 11.89 -34.14 2.94
C GLY A 450 12.42 -33.07 1.98
N PRO A 451 12.77 -33.48 0.76
CA PRO A 451 13.27 -32.57 -0.27
C PRO A 451 12.14 -31.88 -1.03
N TRP A 452 12.26 -30.57 -1.20
CA TRP A 452 11.23 -29.84 -1.96
C TRP A 452 11.84 -28.95 -3.04
N PHE A 453 11.11 -28.83 -4.13
CA PHE A 453 11.58 -28.09 -5.30
C PHE A 453 11.19 -26.61 -5.21
N LEU A 454 12.09 -25.70 -5.58
CA LEU A 454 11.66 -24.33 -5.76
C LEU A 454 12.10 -23.95 -7.17
N HIS A 455 11.14 -23.66 -8.04
CA HIS A 455 11.46 -23.34 -9.45
C HIS A 455 10.51 -22.36 -10.01
N CYS A 456 10.93 -21.62 -11.04
CA CYS A 456 9.98 -20.78 -11.77
C CYS A 456 9.01 -21.71 -12.48
N HIS A 457 7.71 -21.43 -12.45
CA HIS A 457 6.77 -22.42 -12.98
C HIS A 457 6.54 -22.28 -14.46
N ILE A 458 7.22 -21.32 -15.10
CA ILE A 458 7.29 -21.28 -16.57
C ILE A 458 8.14 -22.44 -17.04
N ASP A 459 7.47 -23.45 -17.58
CA ASP A 459 8.07 -24.77 -17.77
C ASP A 459 9.35 -24.75 -18.63
N PHE A 460 9.38 -23.83 -19.59
CA PHE A 460 10.56 -23.65 -20.43
C PHE A 460 11.74 -23.06 -19.63
N HIS A 461 11.46 -22.37 -18.54
CA HIS A 461 12.54 -21.89 -17.74
C HIS A 461 13.04 -22.99 -16.85
N LEU A 462 12.08 -23.79 -16.41
CA LEU A 462 12.38 -24.95 -15.60
C LEU A 462 13.38 -25.81 -16.33
N GLU A 463 13.14 -26.01 -17.63
CA GLU A 463 14.05 -26.86 -18.37
C GLU A 463 15.42 -26.24 -18.55
N ALA A 464 15.49 -24.90 -18.36
CA ALA A 464 16.74 -24.12 -18.46
C ALA A 464 17.46 -24.17 -17.14
N GLY A 465 16.82 -24.78 -16.14
CA GLY A 465 17.47 -25.05 -14.87
C GLY A 465 17.32 -23.92 -13.88
N PHE A 466 16.24 -23.17 -14.01
CA PHE A 466 15.94 -22.09 -13.12
C PHE A 466 15.27 -22.66 -11.87
N ALA A 467 16.05 -23.33 -11.03
CA ALA A 467 15.49 -24.09 -9.91
C ALA A 467 16.51 -24.49 -8.80
N ILE A 468 16.02 -24.66 -7.58
CA ILE A 468 16.85 -25.21 -6.53
C ILE A 468 16.02 -26.13 -5.68
N VAL A 469 16.66 -26.98 -4.92
CA VAL A 469 15.92 -27.92 -4.11
C VAL A 469 16.15 -27.67 -2.66
N PHE A 470 15.11 -27.72 -1.85
CA PHE A 470 15.27 -27.57 -0.40
C PHE A 470 15.21 -28.93 0.30
N ALA A 471 16.38 -29.38 0.78
CA ALA A 471 16.44 -30.59 1.59
C ALA A 471 16.09 -30.19 3.02
N GLU A 472 14.78 -30.23 3.26
CA GLU A 472 14.20 -29.77 4.51
C GLU A 472 14.23 -30.89 5.56
N ASP A 473 15.03 -30.67 6.61
CA ASP A 473 15.17 -31.61 7.71
C ASP A 473 15.61 -32.94 7.19
N THR A 474 16.86 -32.95 6.77
CA THR A 474 17.47 -34.16 6.24
C THR A 474 17.52 -35.36 7.24
N PRO A 475 17.77 -35.12 8.55
CA PRO A 475 17.88 -36.29 9.43
C PRO A 475 16.57 -37.07 9.52
N ASP A 476 15.46 -36.36 9.51
CA ASP A 476 14.20 -37.07 9.66
C ASP A 476 13.55 -37.45 8.35
N THR A 477 14.21 -37.14 7.24
CA THR A 477 13.60 -37.37 5.96
C THR A 477 13.27 -38.86 5.87
N ALA A 478 14.29 -39.67 6.20
CA ALA A 478 14.24 -41.13 6.03
C ALA A 478 13.06 -41.71 6.74
N SER A 479 12.96 -41.39 8.03
CA SER A 479 11.94 -41.96 8.91
C SER A 479 10.56 -41.38 8.63
N VAL A 480 10.38 -40.07 8.74
CA VAL A 480 9.11 -39.36 8.48
C VAL A 480 8.42 -39.64 7.14
N ASN A 481 9.19 -40.14 6.16
CA ASN A 481 8.66 -40.52 4.84
C ASN A 481 8.83 -41.98 4.50
N PRO A 482 7.86 -42.79 4.87
CA PRO A 482 7.95 -44.19 4.57
C PRO A 482 7.75 -44.38 3.08
N VAL A 483 8.71 -45.03 2.43
CA VAL A 483 8.63 -45.27 0.99
C VAL A 483 8.11 -46.65 0.59
N PRO A 484 7.02 -46.69 -0.19
CA PRO A 484 6.48 -47.95 -0.70
C PRO A 484 7.41 -48.61 -1.69
N THR A 485 7.16 -49.90 -1.94
CA THR A 485 8.01 -50.75 -2.76
C THR A 485 7.98 -50.30 -4.23
N ALA A 486 6.79 -49.95 -4.69
CA ALA A 486 6.66 -49.48 -6.06
C ALA A 486 7.61 -48.31 -6.35
N TRP A 487 7.69 -47.33 -5.45
CA TRP A 487 8.60 -46.19 -5.56
C TRP A 487 10.10 -46.54 -5.63
N SER A 488 10.52 -47.53 -4.86
CA SER A 488 11.94 -47.89 -4.80
C SER A 488 12.26 -48.78 -5.98
N ASP A 489 11.22 -49.37 -6.54
CA ASP A 489 11.40 -50.19 -7.70
C ASP A 489 11.66 -49.37 -8.98
N LEU A 490 11.33 -48.09 -8.93
CA LEU A 490 11.37 -47.16 -10.06
C LEU A 490 12.75 -46.84 -10.62
N CYS A 491 13.70 -46.58 -9.75
CA CYS A 491 15.00 -46.18 -10.24
C CYS A 491 15.82 -47.29 -10.89
N PRO A 492 15.83 -48.48 -10.29
CA PRO A 492 16.47 -49.59 -11.00
C PRO A 492 15.72 -49.96 -12.30
N THR A 493 14.40 -49.81 -12.32
CA THR A 493 13.64 -50.10 -13.51
C THR A 493 13.77 -49.02 -14.60
N TYR A 494 14.16 -47.81 -14.19
CA TYR A 494 14.21 -46.70 -15.13
C TYR A 494 15.54 -46.55 -15.76
N ASP A 495 16.59 -46.80 -14.98
CA ASP A 495 17.98 -46.66 -15.46
C ASP A 495 18.43 -47.75 -16.44
N ALA A 496 17.59 -48.80 -16.49
CA ALA A 496 17.75 -49.94 -17.38
C ALA A 496 17.26 -49.62 -18.79
N LEU A 497 16.38 -48.61 -18.90
CA LEU A 497 15.81 -48.19 -20.18
C LEU A 497 16.82 -47.50 -21.05
N ASP A 498 16.68 -47.68 -22.36
CA ASP A 498 17.55 -47.04 -23.35
C ASP A 498 17.09 -45.62 -23.55
N PRO A 499 18.01 -44.74 -23.96
CA PRO A 499 17.57 -43.41 -24.36
C PRO A 499 16.41 -43.45 -25.41
N SER A 500 16.35 -44.53 -26.21
CA SER A 500 15.33 -44.72 -27.25
C SER A 500 13.96 -44.88 -26.61
N ASP A 501 13.93 -45.60 -25.49
CA ASP A 501 12.68 -45.88 -24.78
C ASP A 501 12.40 -44.84 -23.67
N HIS A 502 13.17 -43.74 -23.67
CA HIS A 502 13.03 -42.69 -22.66
C HIS A 502 11.69 -41.99 -22.72
N ALA B 1 -17.95 31.74 17.68
CA ALA B 1 -17.01 32.71 18.33
C ALA B 1 -17.14 34.05 17.65
N ILE B 2 -16.04 34.56 17.08
CA ILE B 2 -16.01 35.87 16.37
C ILE B 2 -16.01 35.79 14.84
N GLY B 3 -15.89 36.97 14.20
CA GLY B 3 -15.90 37.09 12.74
C GLY B 3 -17.21 36.79 12.02
N PRO B 4 -17.19 36.80 10.66
CA PRO B 4 -15.98 36.98 9.85
C PRO B 4 -15.46 38.40 9.89
N VAL B 5 -16.21 39.34 10.44
CA VAL B 5 -15.69 40.69 10.56
C VAL B 5 -15.53 40.99 12.03
N THR B 6 -14.30 41.22 12.45
CA THR B 6 -14.05 41.38 13.86
C THR B 6 -12.69 42.01 14.17
N ASP B 7 -12.57 42.49 15.39
CA ASP B 7 -11.32 43.03 15.84
C ASP B 7 -10.61 41.93 16.62
N LEU B 8 -9.30 41.82 16.44
CA LEU B 8 -8.52 40.89 17.24
C LEU B 8 -7.49 41.69 17.96
N THR B 9 -7.69 41.91 19.26
CA THR B 9 -6.72 42.68 20.08
C THR B 9 -5.62 41.71 20.60
N ILE B 10 -4.35 42.10 20.43
CA ILE B 10 -3.22 41.27 20.83
C ILE B 10 -2.47 41.97 21.95
N SER B 11 -2.36 41.28 23.09
CA SER B 11 -1.80 41.86 24.32
C SER B 11 -0.97 40.86 25.13
N ASN B 12 -0.07 41.38 25.97
CA ASN B 12 0.64 40.57 26.96
C ASN B 12 -0.13 40.42 28.29
N ALA B 13 -0.37 39.18 28.73
CA ALA B 13 -1.06 38.94 30.00
C ALA B 13 -0.59 37.64 30.57
N ASP B 14 -0.52 37.56 31.89
CA ASP B 14 -0.18 36.31 32.55
C ASP B 14 -1.38 35.41 32.38
N VAL B 15 -1.13 34.21 31.85
CA VAL B 15 -2.14 33.14 31.77
C VAL B 15 -1.67 31.80 32.40
N THR B 16 -2.62 31.03 32.91
CA THR B 16 -2.29 29.81 33.62
C THR B 16 -3.16 28.62 33.16
N PRO B 17 -2.70 27.90 32.11
CA PRO B 17 -3.43 26.78 31.51
C PRO B 17 -3.16 25.40 32.15
N ASP B 18 -1.95 25.18 32.63
CA ASP B 18 -1.56 23.90 33.21
C ASP B 18 -1.33 23.91 34.73
N GLY B 19 -1.85 24.94 35.40
CA GLY B 19 -1.58 25.15 36.82
C GLY B 19 -0.34 25.99 37.07
N PHE B 20 0.36 26.38 36.00
CA PHE B 20 1.56 27.21 36.11
C PHE B 20 1.32 28.57 35.42
N THR B 21 1.34 29.68 36.17
CA THR B 21 1.11 31.02 35.60
C THR B 21 2.38 31.63 35.00
N ARG B 22 2.34 31.99 33.72
CA ARG B 22 3.44 32.73 33.10
C ARG B 22 2.94 33.75 32.08
N ALA B 23 3.69 34.84 31.95
CA ALA B 23 3.32 35.94 31.04
C ALA B 23 3.40 35.42 29.58
N ALA B 24 2.33 35.60 28.81
CA ALA B 24 2.30 35.13 27.44
C ALA B 24 1.72 36.15 26.47
N VAL B 25 1.95 35.92 25.18
CA VAL B 25 1.33 36.72 24.12
C VAL B 25 -0.01 36.10 23.78
N VAL B 26 -1.05 36.93 23.72
CA VAL B 26 -2.41 36.41 23.57
C VAL B 26 -3.35 37.30 22.70
N ALA B 27 -4.29 36.64 22.02
CA ALA B 27 -5.31 37.30 21.23
C ALA B 27 -6.61 37.36 22.03
N ASN B 28 -7.20 38.56 22.12
CA ASN B 28 -8.46 38.77 22.87
C ASN B 28 -8.45 38.23 24.30
N GLY B 29 -7.26 38.11 24.89
CA GLY B 29 -7.11 37.73 26.30
C GLY B 29 -7.06 36.26 26.65
N VAL B 30 -7.89 35.44 25.98
CA VAL B 30 -7.97 34.00 26.25
C VAL B 30 -6.94 33.25 25.40
N PHE B 31 -6.27 32.25 26.00
CA PHE B 31 -5.41 31.32 25.21
C PHE B 31 -5.93 29.87 25.28
N PRO B 32 -6.07 29.21 24.14
CA PRO B 32 -5.73 29.66 22.81
C PRO B 32 -6.71 30.71 22.30
N GLY B 33 -6.24 31.58 21.37
CA GLY B 33 -7.02 32.69 20.78
C GLY B 33 -8.42 32.27 20.38
N PRO B 34 -9.37 33.21 20.37
CA PRO B 34 -10.79 32.92 20.10
C PRO B 34 -11.03 32.25 18.74
N LEU B 35 -12.04 31.39 18.64
CA LEU B 35 -12.37 30.78 17.36
C LEU B 35 -12.97 31.80 16.39
N ILE B 36 -12.31 32.03 15.26
CA ILE B 36 -12.83 32.92 14.25
C ILE B 36 -13.69 32.12 13.28
N THR B 37 -14.92 32.57 13.04
CA THR B 37 -15.83 31.78 12.19
C THR B 37 -16.34 32.55 11.00
N GLY B 38 -16.49 31.83 9.89
CA GLY B 38 -17.11 32.34 8.68
C GLY B 38 -17.68 31.22 7.85
N ASN B 39 -18.36 31.58 6.76
CA ASN B 39 -18.90 30.62 5.79
C ASN B 39 -18.22 30.68 4.42
N LYS B 40 -18.31 29.58 3.65
CA LYS B 40 -17.71 29.54 2.31
C LYS B 40 -18.16 30.75 1.49
N GLY B 41 -17.19 31.44 0.89
CA GLY B 41 -17.46 32.69 0.16
C GLY B 41 -17.62 33.95 1.02
N ASP B 42 -17.43 33.83 2.34
CA ASP B 42 -17.57 35.00 3.21
C ASP B 42 -16.31 35.86 3.11
N ASN B 43 -16.50 37.18 3.16
CA ASN B 43 -15.37 38.11 3.11
C ASN B 43 -14.88 38.35 4.52
N PHE B 44 -13.71 37.81 4.87
CA PHE B 44 -13.12 38.02 6.21
C PHE B 44 -12.46 39.37 6.34
N GLN B 45 -12.74 40.07 7.44
CA GLN B 45 -12.08 41.33 7.75
C GLN B 45 -11.76 41.27 9.25
N ILE B 46 -10.46 41.12 9.51
CA ILE B 46 -9.97 40.96 10.87
C ILE B 46 -9.03 42.12 11.20
N ASN B 47 -9.45 43.00 12.10
CA ASN B 47 -8.64 44.14 12.47
C ASN B 47 -7.73 43.72 13.60
N VAL B 48 -6.45 43.60 13.27
CA VAL B 48 -5.50 43.15 14.26
C VAL B 48 -4.92 44.40 14.92
N ILE B 49 -5.24 44.58 16.21
CA ILE B 49 -4.70 45.70 17.03
C ILE B 49 -3.53 45.24 17.91
N ASP B 50 -2.37 45.86 17.70
CA ASP B 50 -1.14 45.45 18.36
C ASP B 50 -0.84 46.29 19.57
N ASN B 51 -0.99 45.66 20.73
CA ASN B 51 -0.82 46.28 22.04
C ASN B 51 0.12 45.41 22.87
N LEU B 52 1.36 45.33 22.46
CA LEU B 52 2.27 44.49 23.19
C LEU B 52 3.38 45.33 23.82
N THR B 53 3.74 44.95 25.03
CA THR B 53 4.64 45.76 25.84
C THR B 53 5.88 44.94 26.22
N ASN B 54 5.76 43.62 26.15
CA ASN B 54 6.85 42.72 26.49
C ASN B 54 7.74 42.48 25.30
N ALA B 55 8.96 43.00 25.37
CA ALA B 55 9.91 42.96 24.23
C ALA B 55 10.52 41.60 24.04
N THR B 56 10.55 40.85 25.12
CA THR B 56 11.12 39.51 25.16
C THR B 56 10.29 38.52 24.34
N MET B 57 8.98 38.76 24.25
CA MET B 57 8.11 37.94 23.40
C MET B 57 7.70 38.64 22.12
N LEU B 58 8.43 39.72 21.78
CA LEU B 58 8.25 40.60 20.60
C LEU B 58 7.03 41.48 20.64
N LYS B 59 7.25 42.78 20.45
CA LYS B 59 6.17 43.76 20.44
C LYS B 59 5.54 43.82 19.07
N THR B 60 6.30 43.46 18.04
CA THR B 60 5.78 43.44 16.67
C THR B 60 5.18 42.08 16.30
N THR B 61 4.05 42.11 15.61
CA THR B 61 3.36 40.87 15.32
C THR B 61 2.92 40.80 13.87
N THR B 62 2.57 39.59 13.44
CA THR B 62 1.88 39.36 12.17
C THR B 62 1.19 38.00 12.21
N ILE B 63 -0.06 37.94 11.77
CA ILE B 63 -0.79 36.68 11.87
C ILE B 63 -1.03 36.05 10.51
N HIS B 64 -0.76 34.74 10.42
CA HIS B 64 -1.01 33.92 9.23
C HIS B 64 -2.33 33.17 9.43
N TRP B 65 -2.99 32.87 8.32
CA TRP B 65 -4.28 32.19 8.28
C TRP B 65 -4.05 30.90 7.57
N HIS B 66 -3.81 29.85 8.35
CA HIS B 66 -3.19 28.62 7.85
C HIS B 66 -4.13 27.87 6.93
N GLY B 67 -3.62 27.52 5.76
CA GLY B 67 -4.36 26.67 4.87
C GLY B 67 -5.25 27.42 3.91
N LEU B 68 -5.46 28.73 4.15
CA LEU B 68 -6.21 29.60 3.23
C LEU B 68 -5.39 29.99 2.02
N PHE B 69 -5.93 29.83 0.85
CA PHE B 69 -5.14 30.08 -0.36
C PHE B 69 -4.71 31.54 -0.57
N GLN B 70 -5.53 32.49 -0.12
CA GLN B 70 -5.23 33.91 -0.26
C GLN B 70 -4.95 34.35 -1.68
N HIS B 71 -5.86 34.02 -2.61
CA HIS B 71 -5.81 34.54 -3.99
C HIS B 71 -6.12 36.03 -4.02
N GLY B 72 -5.34 36.78 -4.80
CA GLY B 72 -5.44 38.25 -4.86
C GLY B 72 -5.07 38.98 -3.58
N THR B 73 -4.71 38.23 -2.54
CA THR B 73 -4.53 38.82 -1.22
C THR B 73 -3.25 38.34 -0.60
N ASN B 74 -2.21 38.22 -1.45
CA ASN B 74 -0.92 37.74 -0.99
C ASN B 74 -0.34 38.57 0.12
N TRP B 75 -0.61 39.86 0.15
CA TRP B 75 -0.19 40.77 1.24
C TRP B 75 -0.70 40.31 2.60
N ALA B 76 -1.88 39.71 2.60
CA ALA B 76 -2.54 39.39 3.83
C ALA B 76 -2.23 38.01 4.35
N ASP B 77 -1.20 37.38 3.81
CA ASP B 77 -0.99 35.96 4.05
C ASP B 77 -0.41 35.73 5.41
N GLY B 78 0.55 36.55 5.81
CA GLY B 78 1.06 36.47 7.18
C GLY B 78 2.57 36.49 7.43
N PRO B 79 3.30 35.49 6.89
CA PRO B 79 4.74 35.37 6.99
C PRO B 79 5.44 36.71 6.97
N ALA B 80 6.23 36.98 8.01
CA ALA B 80 7.03 38.19 8.05
C ALA B 80 8.25 38.20 7.11
N PHE B 81 8.44 39.28 6.37
CA PHE B 81 9.54 39.44 5.46
C PHE B 81 9.40 38.57 4.23
N VAL B 82 8.31 37.85 4.15
CA VAL B 82 7.98 37.17 2.91
C VAL B 82 6.76 37.85 2.29
N ASN B 83 5.73 38.14 3.09
CA ASN B 83 4.52 38.74 2.61
C ASN B 83 4.17 40.09 3.19
N GLN B 84 4.70 40.41 4.36
CA GLN B 84 4.51 41.76 4.92
C GLN B 84 5.57 42.06 5.96
N CYS B 85 5.69 43.34 6.31
CA CYS B 85 6.46 43.80 7.46
C CYS B 85 5.58 43.64 8.70
N PRO B 86 6.18 43.40 9.87
CA PRO B 86 5.35 43.18 11.06
C PRO B 86 4.66 44.45 11.50
N ILE B 87 3.55 44.28 12.22
CA ILE B 87 2.77 45.42 12.70
C ILE B 87 3.41 46.01 13.93
N ALA B 88 3.46 47.35 13.99
CA ALA B 88 4.03 48.03 15.16
C ALA B 88 3.09 48.07 16.35
N SER B 89 3.64 48.11 17.55
CA SER B 89 2.84 48.24 18.73
C SER B 89 2.22 49.63 18.78
N GLY B 90 0.92 49.67 19.05
CA GLY B 90 0.20 50.94 19.12
C GLY B 90 -0.55 51.22 17.85
N ASN B 91 -0.36 50.36 16.85
CA ASN B 91 -0.99 50.51 15.54
C ASN B 91 -1.90 49.31 15.28
N SER B 92 -2.72 49.41 14.25
CA SER B 92 -3.61 48.32 13.92
C SER B 92 -3.61 48.10 12.41
N PHE B 93 -3.87 46.85 12.03
CA PHE B 93 -3.80 46.46 10.64
C PHE B 93 -4.91 45.52 10.25
N LEU B 94 -5.56 45.81 9.13
CA LEU B 94 -6.73 45.04 8.74
C LEU B 94 -6.38 44.00 7.71
N TYR B 95 -6.82 42.76 7.92
CA TYR B 95 -6.59 41.67 6.98
C TYR B 95 -7.91 41.45 6.28
N ASP B 96 -7.96 41.81 5.01
CA ASP B 96 -9.22 41.84 4.25
C ASP B 96 -9.10 40.85 3.12
N PHE B 97 -9.68 39.66 3.27
CA PHE B 97 -9.58 38.65 2.23
C PHE B 97 -10.85 37.83 2.15
N THR B 98 -11.25 37.49 0.93
CA THR B 98 -12.40 36.61 0.74
C THR B 98 -11.91 35.13 0.60
N VAL B 99 -12.78 34.18 0.96
CA VAL B 99 -12.49 32.74 0.88
C VAL B 99 -13.58 32.05 0.11
N PRO B 100 -13.44 31.98 -1.22
CA PRO B 100 -14.57 31.59 -2.05
C PRO B 100 -14.59 30.11 -2.40
N ASP B 101 -13.44 29.44 -2.34
CA ASP B 101 -13.32 28.05 -2.79
C ASP B 101 -12.98 27.02 -1.69
N GLN B 102 -13.15 27.41 -0.43
CA GLN B 102 -12.65 26.62 0.72
C GLN B 102 -13.63 26.46 1.87
N ALA B 103 -13.72 25.25 2.41
CA ALA B 103 -14.69 24.88 3.46
C ALA B 103 -14.13 23.80 4.36
N GLY B 104 -13.89 24.18 5.61
CA GLY B 104 -13.29 23.24 6.54
C GLY B 104 -12.55 23.89 7.70
N THR B 105 -11.53 23.16 8.18
CA THR B 105 -10.89 23.46 9.43
C THR B 105 -9.49 24.01 9.24
N PHE B 106 -9.27 25.19 9.83
CA PHE B 106 -8.01 25.90 9.73
C PHE B 106 -7.63 26.46 11.09
N TRP B 107 -6.47 27.11 11.15
CA TRP B 107 -6.05 27.84 12.32
C TRP B 107 -5.21 29.09 11.98
N TYR B 108 -5.11 30.03 12.92
CA TYR B 108 -4.34 31.26 12.69
C TYR B 108 -3.28 31.39 13.76
N HIS B 109 -2.06 31.74 13.35
CA HIS B 109 -0.94 31.86 14.29
C HIS B 109 -0.03 32.99 13.86
N SER B 110 0.69 33.55 14.81
CA SER B 110 1.68 34.60 14.55
C SER B 110 2.86 33.99 13.82
N HIS B 111 3.23 34.65 12.73
CA HIS B 111 4.28 34.16 11.85
C HIS B 111 5.63 34.91 12.00
N LEU B 112 5.68 35.84 12.98
CA LEU B 112 6.92 36.58 13.33
C LEU B 112 7.76 35.70 14.22
N SER B 113 8.82 35.13 13.67
CA SER B 113 9.70 34.28 14.45
C SER B 113 8.92 33.20 15.20
N THR B 114 9.31 32.95 16.45
CA THR B 114 8.69 31.90 17.28
C THR B 114 7.51 32.38 18.16
N GLN B 115 6.96 33.54 17.81
CA GLN B 115 5.97 34.18 18.64
C GLN B 115 4.79 33.24 18.96
N TYR B 116 4.33 32.45 18.00
CA TYR B 116 3.09 31.72 18.27
C TYR B 116 3.18 30.69 19.38
N CYS B 117 4.40 30.24 19.66
CA CYS B 117 4.63 29.33 20.75
C CYS B 117 4.43 30.02 22.07
N ASP B 118 4.69 31.33 22.09
CA ASP B 118 4.43 32.15 23.26
C ASP B 118 2.94 32.37 23.50
N GLY B 119 2.08 32.08 22.52
CA GLY B 119 0.64 32.07 22.77
C GLY B 119 -0.30 32.53 21.68
N LEU B 120 0.16 33.42 20.82
CA LEU B 120 -0.70 33.88 19.72
C LEU B 120 -1.02 32.76 18.74
N ARG B 121 -1.89 31.86 19.17
CA ARG B 121 -2.38 30.82 18.28
C ARG B 121 -3.84 30.54 18.65
N GLY B 122 -4.65 30.23 17.64
CA GLY B 122 -6.09 30.03 17.78
C GLY B 122 -6.62 29.38 16.54
N PRO B 123 -7.73 28.63 16.64
CA PRO B 123 -8.41 27.98 15.51
C PRO B 123 -9.30 28.89 14.66
N LEU B 124 -9.47 28.51 13.39
CA LEU B 124 -10.26 29.28 12.42
C LEU B 124 -11.12 28.31 11.64
N VAL B 125 -12.43 28.51 11.68
CA VAL B 125 -13.29 27.55 11.01
C VAL B 125 -14.24 28.17 10.00
N VAL B 126 -14.10 27.71 8.76
CA VAL B 126 -15.03 28.06 7.71
C VAL B 126 -16.06 26.96 7.59
N TYR B 127 -17.33 27.35 7.61
CA TYR B 127 -18.41 26.37 7.49
C TYR B 127 -18.99 26.38 6.09
N ASP B 128 -19.38 25.19 5.63
CA ASP B 128 -20.00 25.01 4.33
C ASP B 128 -21.53 24.82 4.45
N PRO B 129 -22.30 25.86 4.06
CA PRO B 129 -23.77 25.82 4.11
C PRO B 129 -24.37 24.67 3.27
N SER B 130 -23.54 24.04 2.45
CA SER B 130 -23.98 22.84 1.75
C SER B 130 -22.85 21.82 1.89
N ASP B 131 -22.61 21.40 3.12
CA ASP B 131 -21.52 20.50 3.45
C ASP B 131 -21.90 19.05 3.11
N PRO B 132 -21.20 18.43 2.14
CA PRO B 132 -21.52 17.09 1.67
C PRO B 132 -21.65 16.03 2.75
N TYR B 133 -21.40 16.43 4.00
CA TYR B 133 -21.39 15.49 5.12
C TYR B 133 -22.33 15.89 6.23
N ALA B 134 -23.17 16.90 5.98
CA ALA B 134 -24.10 17.38 7.04
C ALA B 134 -25.19 16.34 7.38
N SER B 135 -25.33 15.32 6.52
CA SER B 135 -26.18 14.18 6.79
C SER B 135 -25.34 13.04 7.39
N MET B 136 -24.37 13.41 8.24
CA MET B 136 -23.58 12.42 8.99
C MET B 136 -23.52 12.80 10.47
N TYR B 137 -23.81 14.07 10.79
CA TYR B 137 -23.66 14.55 12.16
C TYR B 137 -24.75 15.53 12.55
N ASP B 138 -24.91 15.77 13.85
CA ASP B 138 -25.97 16.62 14.37
C ASP B 138 -25.46 17.91 14.96
N VAL B 139 -24.29 17.85 15.59
CA VAL B 139 -23.67 19.04 16.20
C VAL B 139 -22.30 19.38 15.57
N ASP B 140 -22.18 20.65 15.20
CA ASP B 140 -20.94 21.25 14.76
C ASP B 140 -20.99 22.71 15.17
N ASP B 141 -20.19 23.12 16.16
CA ASP B 141 -20.16 24.52 16.60
C ASP B 141 -18.91 24.79 17.40
N ASP B 142 -19.00 25.77 18.29
CA ASP B 142 -17.85 26.21 19.06
C ASP B 142 -17.31 25.20 20.07
N THR B 143 -18.20 24.31 20.50
CA THR B 143 -17.89 23.35 21.54
C THR B 143 -17.53 22.00 20.92
N THR B 144 -17.16 22.05 19.64
CA THR B 144 -16.75 20.85 18.92
C THR B 144 -15.36 21.00 18.30
N VAL B 145 -14.78 22.18 18.48
CA VAL B 145 -13.40 22.37 18.11
C VAL B 145 -12.42 21.93 19.22
N ILE B 146 -11.74 20.83 18.95
CA ILE B 146 -10.75 20.30 19.88
C ILE B 146 -9.33 20.76 19.50
N THR B 147 -8.81 21.69 20.27
CA THR B 147 -7.49 22.24 20.00
C THR B 147 -6.39 21.58 20.85
N LEU B 148 -5.46 20.91 20.16
CA LEU B 148 -4.21 20.38 20.75
C LEU B 148 -3.04 21.34 20.65
N SER B 149 -2.44 21.72 21.78
CA SER B 149 -1.32 22.68 21.85
C SER B 149 -0.27 22.24 22.85
N ASP B 150 1.00 22.40 22.49
CA ASP B 150 2.11 22.19 23.42
C ASP B 150 2.42 23.47 24.17
N TRP B 151 2.69 23.34 25.45
CA TRP B 151 2.85 24.52 26.25
C TRP B 151 4.25 24.53 26.86
N TYR B 152 4.80 25.73 27.03
CA TYR B 152 6.16 25.87 27.51
C TYR B 152 6.24 26.80 28.69
N HIS B 153 6.82 26.31 29.78
CA HIS B 153 6.98 27.09 30.99
C HIS B 153 8.04 28.17 30.81
N THR B 154 9.08 27.87 30.06
CA THR B 154 10.07 28.89 29.71
C THR B 154 9.65 29.54 28.36
N ALA B 155 9.94 30.83 28.17
CA ALA B 155 9.52 31.57 26.96
C ALA B 155 10.34 31.23 25.73
N ALA B 156 9.81 31.55 24.56
CA ALA B 156 10.44 31.12 23.31
C ALA B 156 11.82 31.68 23.14
N LYS B 157 12.00 32.92 23.57
CA LYS B 157 13.27 33.59 23.35
C LYS B 157 14.25 33.27 24.49
N LEU B 158 13.69 32.80 25.61
CA LEU B 158 14.43 32.63 26.85
C LEU B 158 15.04 31.26 26.98
N GLY B 159 14.34 30.27 26.47
CA GLY B 159 14.85 28.90 26.46
C GLY B 159 15.79 28.60 25.31
N PRO B 160 16.06 27.33 25.08
CA PRO B 160 17.07 26.93 24.10
C PRO B 160 16.49 27.07 22.71
N ALA B 161 17.35 27.09 21.71
CA ALA B 161 16.94 27.15 20.31
C ALA B 161 16.02 26.00 19.95
N PHE B 162 16.34 24.80 20.42
CA PHE B 162 15.53 23.61 20.11
C PHE B 162 15.08 22.91 21.39
N PRO B 163 13.95 23.36 21.96
CA PRO B 163 13.34 22.72 23.11
C PRO B 163 13.14 21.22 22.92
N PRO B 164 13.72 20.40 23.81
CA PRO B 164 13.58 18.95 23.76
C PRO B 164 12.12 18.52 23.84
N ASN B 165 11.34 19.13 24.72
CA ASN B 165 9.96 18.73 24.88
C ASN B 165 9.08 19.87 25.45
N ALA B 166 7.76 19.69 25.31
CA ALA B 166 6.78 20.57 25.89
C ALA B 166 6.65 20.22 27.35
N ASP B 167 6.45 21.23 28.18
CA ASP B 167 6.19 21.03 29.60
C ASP B 167 4.83 20.37 29.88
N SER B 168 3.82 20.71 29.08
CA SER B 168 2.49 20.13 29.22
C SER B 168 1.82 20.16 27.88
N VAL B 169 0.92 19.21 27.66
CA VAL B 169 0.14 19.16 26.45
C VAL B 169 -1.28 19.67 26.76
N LEU B 170 -1.67 20.79 26.18
CA LEU B 170 -2.95 21.35 26.52
C LEU B 170 -4.02 20.90 25.53
N ILE B 171 -5.10 20.33 26.03
CA ILE B 171 -6.29 20.15 25.20
C ILE B 171 -7.28 21.28 25.49
N ASN B 172 -7.91 21.84 24.45
CA ASN B 172 -8.73 23.05 24.63
C ASN B 172 -8.16 24.09 25.64
N GLY B 173 -6.84 24.10 25.77
CA GLY B 173 -6.14 25.09 26.55
C GLY B 173 -6.05 24.70 28.00
N LEU B 174 -6.26 23.43 28.28
CA LEU B 174 -6.20 22.91 29.65
C LEU B 174 -5.49 21.55 29.68
N GLY B 175 -4.52 21.42 30.59
CA GLY B 175 -3.73 20.20 30.72
C GLY B 175 -2.95 20.26 32.01
N ARG B 176 -2.02 19.32 32.17
CA ARG B 176 -1.12 19.32 33.34
C ARG B 176 0.35 19.01 33.00
N PHE B 177 1.25 19.33 33.93
CA PHE B 177 2.64 18.93 33.78
C PHE B 177 3.07 17.80 34.72
N ALA B 178 4.38 17.51 34.78
CA ALA B 178 4.94 16.38 35.55
C ALA B 178 4.57 16.39 37.03
N GLY B 179 5.17 17.29 37.81
CA GLY B 179 4.81 17.48 39.24
C GLY B 179 3.60 18.40 39.35
N GLY B 180 2.51 17.99 38.70
CA GLY B 180 1.38 18.87 38.37
C GLY B 180 0.60 19.37 39.55
N ASN B 181 -0.18 20.42 39.34
CA ASN B 181 -1.06 20.92 40.38
C ASN B 181 -2.34 20.05 40.48
N ALA B 182 -2.44 19.05 39.59
CA ALA B 182 -3.68 18.27 39.45
C ALA B 182 -4.93 19.16 39.33
N SER B 183 -4.82 20.18 38.48
CA SER B 183 -5.87 21.18 38.33
C SER B 183 -6.70 20.95 37.07
N ASP B 184 -7.69 21.83 36.86
CA ASP B 184 -8.81 21.63 35.92
C ASP B 184 -8.38 21.01 34.60
N LEU B 185 -9.15 20.04 34.13
CA LEU B 185 -8.92 19.48 32.81
C LEU B 185 -9.94 20.08 31.81
N ALA B 186 -9.85 19.65 30.56
CA ALA B 186 -10.83 20.10 29.61
C ALA B 186 -12.05 19.17 29.63
N VAL B 187 -13.26 19.75 29.57
CA VAL B 187 -14.53 18.99 29.54
C VAL B 187 -15.34 19.12 28.26
N ILE B 188 -15.54 18.01 27.57
CA ILE B 188 -16.33 18.02 26.33
C ILE B 188 -17.63 17.28 26.61
N THR B 189 -18.76 17.95 26.37
CA THR B 189 -20.07 17.38 26.69
C THR B 189 -20.72 16.71 25.47
N VAL B 190 -21.29 15.54 25.69
CA VAL B 190 -22.01 14.90 24.61
C VAL B 190 -23.36 14.36 25.13
N GLU B 191 -24.38 14.31 24.26
CA GLU B 191 -25.67 13.64 24.54
C GLU B 191 -25.73 12.28 23.82
N GLN B 192 -26.34 11.28 24.47
CA GLN B 192 -26.47 9.93 23.87
C GLN B 192 -27.13 9.94 22.49
N ASN B 193 -26.60 9.10 21.60
CA ASN B 193 -27.15 8.91 20.24
C ASN B 193 -26.96 10.10 19.25
N LYS B 194 -26.73 11.31 19.78
CA LYS B 194 -26.36 12.48 18.96
C LYS B 194 -24.99 12.34 18.25
N ARG B 195 -25.00 12.47 16.93
CA ARG B 195 -23.74 12.44 16.18
C ARG B 195 -22.99 13.77 16.33
N TYR B 196 -21.68 13.70 16.62
CA TYR B 196 -20.84 14.91 16.75
C TYR B 196 -19.80 15.06 15.64
N ARG B 197 -19.66 16.28 15.12
CA ARG B 197 -18.55 16.61 14.23
C ARG B 197 -17.49 17.39 15.02
N PHE B 198 -16.39 16.71 15.33
CA PHE B 198 -15.30 17.33 16.07
C PHE B 198 -14.24 17.79 15.09
N ARG B 199 -13.88 19.05 15.22
CA ARG B 199 -12.89 19.66 14.39
C ARG B 199 -11.57 19.74 15.19
N LEU B 200 -10.63 18.83 14.88
CA LEU B 200 -9.39 18.68 15.64
C LEU B 200 -8.27 19.51 15.01
N VAL B 201 -7.69 20.42 15.80
CA VAL B 201 -6.66 21.33 15.30
C VAL B 201 -5.37 21.16 16.09
N SER B 202 -4.25 21.07 15.38
CA SER B 202 -2.93 20.97 16.00
C SER B 202 -2.28 22.34 16.02
N LEU B 203 -2.32 23.04 17.14
CA LEU B 203 -1.57 24.30 17.23
C LEU B 203 -0.17 24.09 17.79
N SER B 204 0.42 22.93 17.48
CA SER B 204 1.71 22.51 18.05
C SER B 204 2.91 23.30 17.50
N CYS B 205 3.97 23.35 18.30
CA CYS B 205 5.18 24.03 17.89
C CYS B 205 6.18 23.03 17.49
N ASP B 206 6.08 21.83 18.01
CA ASP B 206 7.13 20.85 17.83
C ASP B 206 6.51 19.47 17.77
N PRO B 207 5.94 18.99 18.89
CA PRO B 207 5.63 17.56 18.96
C PRO B 207 4.42 17.14 18.17
N ASN B 208 4.42 15.88 17.76
CA ASN B 208 3.27 15.33 17.12
C ASN B 208 2.55 14.41 18.11
N PHE B 209 1.22 14.37 18.02
CA PHE B 209 0.41 13.68 18.98
C PHE B 209 -0.11 12.38 18.45
N THR B 210 -0.40 11.45 19.33
CA THR B 210 -1.18 10.26 18.98
C THR B 210 -2.52 10.38 19.71
N PHE B 211 -3.46 11.05 19.03
CA PHE B 211 -4.80 11.39 19.52
C PHE B 211 -5.76 10.23 19.47
N SER B 212 -6.30 9.91 20.63
CA SER B 212 -7.16 8.76 20.77
C SER B 212 -8.23 9.12 21.77
N ILE B 213 -9.38 8.45 21.66
CA ILE B 213 -10.48 8.55 22.65
C ILE B 213 -10.80 7.14 23.18
N ASP B 214 -10.95 7.06 24.50
CA ASP B 214 -11.23 5.81 25.17
C ASP B 214 -12.63 5.29 24.83
N GLY B 215 -12.65 4.05 24.34
CA GLY B 215 -13.89 3.31 24.08
C GLY B 215 -14.77 3.97 23.04
N HIS B 216 -14.14 4.67 22.11
CA HIS B 216 -14.87 5.35 21.04
C HIS B 216 -14.14 5.27 19.71
N ASN B 217 -14.76 5.84 18.69
CA ASN B 217 -14.13 5.86 17.37
C ASN B 217 -14.24 7.19 16.66
N MET B 218 -13.37 7.38 15.66
CA MET B 218 -13.35 8.60 14.92
C MET B 218 -13.47 8.30 13.44
N THR B 219 -14.41 9.04 12.82
CA THR B 219 -14.71 8.90 11.39
C THR B 219 -14.25 10.17 10.66
N ILE B 220 -13.05 10.12 10.08
CA ILE B 220 -12.40 11.28 9.48
C ILE B 220 -13.08 11.54 8.18
N ILE B 221 -13.43 12.80 7.95
CA ILE B 221 -14.05 13.18 6.69
C ILE B 221 -13.27 14.33 6.06
N GLU B 222 -12.52 15.04 6.91
CA GLU B 222 -11.72 16.19 6.53
C GLU B 222 -10.29 16.11 7.03
N VAL B 223 -9.35 16.32 6.11
CA VAL B 223 -7.92 16.48 6.44
C VAL B 223 -7.37 17.82 5.90
N ASP B 224 -6.77 18.59 6.79
CA ASP B 224 -6.24 19.94 6.48
C ASP B 224 -7.09 20.79 5.53
N GLY B 225 -8.37 20.94 5.86
CA GLY B 225 -9.24 21.77 5.06
C GLY B 225 -10.00 21.00 4.01
N VAL B 226 -9.32 20.07 3.36
CA VAL B 226 -9.86 19.38 2.19
C VAL B 226 -10.77 18.18 2.56
N ASN B 227 -11.96 18.12 1.95
CA ASN B 227 -12.93 17.04 2.13
C ASN B 227 -12.46 15.71 1.57
N HIS B 228 -12.50 14.68 2.42
CA HIS B 228 -12.10 13.32 2.01
C HIS B 228 -13.14 12.24 2.30
N GLU B 229 -13.05 11.15 1.54
CA GLU B 229 -13.90 9.98 1.72
C GLU B 229 -13.83 9.51 3.19
N PRO B 230 -15.01 9.23 3.82
CA PRO B 230 -15.08 8.80 5.25
C PRO B 230 -14.18 7.61 5.57
N LEU B 231 -13.46 7.72 6.70
CA LEU B 231 -12.46 6.71 7.15
C LEU B 231 -12.65 6.29 8.61
N GLU B 232 -12.71 4.97 8.79
CA GLU B 232 -12.79 4.39 10.11
C GLU B 232 -11.42 4.50 10.79
N VAL B 233 -11.40 5.20 11.93
CA VAL B 233 -10.17 5.40 12.67
C VAL B 233 -10.33 5.17 14.19
N ASP B 234 -9.32 4.49 14.76
CA ASP B 234 -9.17 4.32 16.22
C ASP B 234 -8.30 5.41 16.88
N SER B 235 -7.11 5.66 16.33
CA SER B 235 -6.24 6.74 16.79
C SER B 235 -5.63 7.56 15.66
N ILE B 236 -5.47 8.85 15.91
CA ILE B 236 -4.97 9.78 14.92
C ILE B 236 -3.60 10.29 15.28
N GLN B 237 -2.61 10.07 14.42
CA GLN B 237 -1.30 10.77 14.52
C GLN B 237 -1.29 12.14 13.79
N ILE B 238 -1.49 13.18 14.57
CA ILE B 238 -1.63 14.48 14.00
C ILE B 238 -0.40 15.32 14.27
N PHE B 239 0.36 15.61 13.20
CA PHE B 239 1.60 16.41 13.26
C PHE B 239 1.31 17.91 13.29
N ALA B 240 2.30 18.72 13.62
CA ALA B 240 2.07 20.16 13.81
C ALA B 240 1.28 20.82 12.65
N SER B 241 0.34 21.68 13.01
CA SER B 241 -0.44 22.48 12.05
C SER B 241 -1.49 21.72 11.25
N GLN B 242 -1.49 20.40 11.34
CA GLN B 242 -2.49 19.62 10.62
C GLN B 242 -3.88 19.73 11.28
N ARG B 243 -4.94 19.45 10.51
CA ARG B 243 -6.31 19.38 11.04
C ARG B 243 -7.07 18.16 10.53
N TYR B 244 -7.91 17.62 11.40
CA TYR B 244 -8.77 16.52 11.02
C TYR B 244 -10.12 16.76 11.61
N SER B 245 -11.16 16.46 10.83
CA SER B 245 -12.55 16.49 11.31
C SER B 245 -13.02 15.06 11.35
N PHE B 246 -13.50 14.65 12.51
CA PHE B 246 -14.03 13.30 12.69
C PHE B 246 -15.41 13.37 13.32
N VAL B 247 -16.30 12.50 12.83
CA VAL B 247 -17.61 12.38 13.41
C VAL B 247 -17.60 11.19 14.37
N LEU B 248 -17.93 11.51 15.62
CA LEU B 248 -18.03 10.52 16.68
C LEU B 248 -19.51 10.22 16.92
N ASN B 249 -19.84 8.91 16.80
CA ASN B 249 -21.19 8.38 17.06
C ASN B 249 -21.37 8.04 18.55
N ALA B 250 -21.91 9.00 19.32
CA ALA B 250 -22.09 8.87 20.79
C ALA B 250 -23.00 7.68 21.24
N THR B 251 -22.42 6.47 21.17
CA THR B 251 -23.17 5.22 21.30
C THR B 251 -22.80 4.40 22.56
N GLN B 252 -22.12 5.05 23.53
CA GLN B 252 -21.63 4.34 24.75
C GLN B 252 -22.37 4.73 26.03
N SER B 253 -22.46 3.80 26.98
CA SER B 253 -23.18 4.03 28.25
C SER B 253 -22.74 5.33 28.92
N VAL B 254 -23.69 6.06 29.53
CA VAL B 254 -23.39 7.40 30.10
C VAL B 254 -22.28 7.32 31.13
N ASP B 255 -21.07 7.74 30.72
CA ASP B 255 -19.85 7.62 31.54
C ASP B 255 -18.83 8.68 31.10
N ASN B 256 -17.87 8.93 31.99
CA ASN B 256 -16.76 9.81 31.69
C ASN B 256 -15.64 9.03 31.02
N TYR B 257 -15.22 9.48 29.83
CA TYR B 257 -14.13 8.82 29.10
C TYR B 257 -12.98 9.78 28.90
N TRP B 258 -11.76 9.21 28.80
CA TRP B 258 -10.52 9.97 28.56
C TRP B 258 -10.29 10.38 27.10
N ILE B 259 -9.98 11.66 26.91
CA ILE B 259 -9.59 12.10 25.60
C ILE B 259 -8.09 12.24 25.71
N ARG B 260 -7.38 11.42 24.93
CA ARG B 260 -5.93 11.27 25.06
C ARG B 260 -5.18 11.89 23.90
N ALA B 261 -4.03 12.47 24.22
CA ALA B 261 -3.16 13.09 23.23
C ALA B 261 -1.67 12.94 23.59
N ILE B 262 -1.14 11.73 23.44
CA ILE B 262 0.27 11.53 23.77
C ILE B 262 1.16 12.11 22.67
N PRO B 263 2.13 12.92 23.08
CA PRO B 263 3.11 13.44 22.14
C PRO B 263 4.18 12.38 21.83
N ASN B 264 4.91 12.56 20.74
CA ASN B 264 5.96 11.61 20.37
C ASN B 264 7.19 11.77 21.27
N THR B 265 7.43 13.01 21.69
CA THR B 265 8.53 13.29 22.56
C THR B 265 8.01 13.92 23.84
N GLY B 266 8.69 13.64 24.93
CA GLY B 266 8.35 14.23 26.21
C GLY B 266 7.97 13.18 27.20
N THR B 267 7.11 13.57 28.14
CA THR B 267 6.62 12.66 29.18
C THR B 267 5.40 11.82 28.70
N ILE B 268 5.68 10.61 28.18
CA ILE B 268 4.62 9.72 27.70
C ILE B 268 4.15 8.86 28.88
N ASP B 269 2.99 9.25 29.37
CA ASP B 269 2.18 8.51 30.29
C ASP B 269 0.83 9.21 30.34
N THR B 270 -0.18 8.47 30.74
CA THR B 270 -1.46 9.02 31.22
C THR B 270 -1.54 9.29 32.77
N THR B 271 -0.85 8.46 33.59
CA THR B 271 -0.93 8.55 35.07
C THR B 271 -0.73 9.99 35.58
N GLY B 272 -1.53 10.37 36.57
CA GLY B 272 -1.49 11.71 37.15
C GLY B 272 -2.44 12.71 36.48
N GLY B 273 -3.22 12.21 35.51
CA GLY B 273 -4.12 13.04 34.67
C GLY B 273 -3.43 13.93 33.62
N LEU B 274 -2.21 13.55 33.22
CA LEU B 274 -1.38 14.28 32.25
C LEU B 274 -1.77 13.94 30.78
N ASN B 275 -1.71 14.94 29.88
CA ASN B 275 -2.06 14.76 28.45
C ASN B 275 -3.43 14.17 28.23
N SER B 276 -4.42 14.72 28.93
CA SER B 276 -5.74 14.16 28.92
C SER B 276 -6.84 15.21 29.04
N ALA B 277 -8.00 14.90 28.44
CA ALA B 277 -9.23 15.68 28.64
C ALA B 277 -10.46 14.78 28.86
N ILE B 278 -11.52 15.33 29.48
CA ILE B 278 -12.71 14.53 29.79
C ILE B 278 -13.80 14.64 28.74
N LEU B 279 -14.13 13.47 28.17
CA LEU B 279 -15.32 13.29 27.37
C LEU B 279 -16.46 12.86 28.28
N ARG B 280 -17.37 13.78 28.56
CA ARG B 280 -18.46 13.57 29.52
C ARG B 280 -19.84 13.50 28.86
N TYR B 281 -20.46 12.32 28.92
CA TYR B 281 -21.84 12.17 28.50
C TYR B 281 -22.81 12.85 29.48
N SER B 282 -23.61 13.78 28.97
CA SER B 282 -24.53 14.55 29.79
C SER B 282 -25.35 13.67 30.72
N GLY B 283 -25.14 13.89 32.01
CA GLY B 283 -25.87 13.21 33.07
C GLY B 283 -25.00 12.35 33.97
N ALA B 284 -23.80 11.99 33.50
CA ALA B 284 -22.86 11.19 34.32
C ALA B 284 -22.22 12.07 35.39
N ASP B 285 -21.63 11.44 36.40
CA ASP B 285 -21.14 12.15 37.59
C ASP B 285 -19.94 13.03 37.28
N ILE B 286 -19.90 14.19 37.91
CA ILE B 286 -18.79 15.12 37.79
C ILE B 286 -17.46 14.58 38.38
N VAL B 287 -17.01 13.40 37.93
CA VAL B 287 -15.73 12.77 38.36
C VAL B 287 -14.75 12.58 37.22
N ASP B 288 -13.51 12.22 37.56
CA ASP B 288 -12.53 11.92 36.53
C ASP B 288 -12.77 10.52 35.99
N PRO B 289 -12.63 10.36 34.64
CA PRO B 289 -12.81 9.10 33.91
C PRO B 289 -12.00 7.96 34.52
N THR B 290 -12.54 6.75 34.48
CA THR B 290 -11.80 5.59 34.97
C THR B 290 -11.54 4.66 33.77
N ALA B 291 -11.67 5.25 32.58
CA ALA B 291 -11.62 4.52 31.32
C ALA B 291 -10.17 4.14 31.02
N ASN B 292 -9.98 3.01 30.32
CA ASN B 292 -8.63 2.53 29.99
C ASN B 292 -8.32 2.54 28.49
N ALA B 293 -7.09 2.85 28.11
CA ALA B 293 -6.75 2.92 26.69
C ALA B 293 -6.38 1.55 26.15
N THR B 294 -7.03 1.15 25.05
CA THR B 294 -6.72 -0.12 24.39
C THR B 294 -5.71 0.04 23.24
N THR B 295 -5.15 -1.07 22.77
CA THR B 295 -4.26 -1.00 21.60
C THR B 295 -5.05 -0.62 20.34
N SER B 296 -4.45 0.24 19.50
CA SER B 296 -5.06 0.67 18.22
C SER B 296 -4.95 -0.37 17.11
N VAL B 297 -6.11 -0.85 16.71
CA VAL B 297 -6.20 -1.86 15.66
C VAL B 297 -6.54 -1.23 14.32
N ILE B 298 -7.37 -0.17 14.33
CA ILE B 298 -7.65 0.63 13.12
C ILE B 298 -7.15 2.08 13.24
N PRO B 299 -5.79 2.29 13.16
CA PRO B 299 -5.24 3.63 13.37
C PRO B 299 -5.17 4.43 12.06
N LEU B 300 -4.97 5.74 12.15
CA LEU B 300 -4.88 6.55 10.95
C LEU B 300 -3.61 6.23 10.18
N VAL B 301 -3.79 5.77 8.96
CA VAL B 301 -2.68 5.67 8.01
C VAL B 301 -2.86 6.68 6.86
N GLU B 302 -1.84 7.48 6.59
CA GLU B 302 -1.94 8.56 5.60
C GLU B 302 -2.29 7.99 4.22
N THR B 303 -1.65 6.90 3.88
CA THR B 303 -1.80 6.34 2.57
C THR B 303 -3.20 5.73 2.30
N ASP B 304 -3.98 5.62 3.37
CA ASP B 304 -5.31 5.03 3.31
C ASP B 304 -6.41 6.08 3.04
N LEU B 305 -6.11 7.35 3.34
CA LEU B 305 -7.06 8.45 3.10
C LEU B 305 -7.16 8.73 1.62
N VAL B 306 -8.36 9.07 1.16
CA VAL B 306 -8.65 9.40 -0.25
C VAL B 306 -9.57 10.62 -0.37
N PRO B 307 -9.19 11.56 -1.23
CA PRO B 307 -9.92 12.81 -1.43
C PRO B 307 -11.35 12.60 -1.88
N LEU B 308 -12.23 13.55 -1.55
CA LEU B 308 -13.64 13.42 -1.88
C LEU B 308 -13.99 13.78 -3.31
N ASP B 309 -13.45 14.91 -3.79
CA ASP B 309 -13.56 15.32 -5.21
C ASP B 309 -12.19 15.54 -5.85
N SER B 310 -12.11 15.36 -7.17
CA SER B 310 -10.85 15.54 -7.92
C SER B 310 -9.66 14.88 -7.21
N PRO B 311 -9.73 13.55 -7.06
CA PRO B 311 -8.69 12.80 -6.33
C PRO B 311 -7.36 12.69 -7.07
N ALA B 312 -7.41 12.70 -8.40
CA ALA B 312 -6.21 12.50 -9.18
C ALA B 312 -5.20 13.60 -8.92
N ALA B 313 -3.93 13.25 -8.83
CA ALA B 313 -2.91 14.26 -8.65
C ALA B 313 -2.51 14.85 -9.98
N PRO B 314 -2.24 16.15 -10.02
CA PRO B 314 -1.81 16.79 -11.28
C PRO B 314 -0.50 16.17 -11.78
N GLY B 315 -0.24 16.26 -13.09
CA GLY B 315 0.87 15.57 -13.73
C GLY B 315 0.57 14.15 -14.21
N ASP B 316 1.53 13.57 -14.90
CA ASP B 316 1.42 12.18 -15.37
C ASP B 316 1.74 11.17 -14.26
N PRO B 317 1.05 10.02 -14.24
CA PRO B 317 1.34 8.99 -13.25
C PRO B 317 2.73 8.33 -13.41
N VAL B 318 3.75 9.15 -13.63
CA VAL B 318 5.10 8.66 -13.78
C VAL B 318 6.02 9.43 -12.83
N VAL B 319 7.17 8.84 -12.49
CA VAL B 319 8.23 9.50 -11.70
C VAL B 319 8.89 10.58 -12.54
N GLY B 320 8.71 11.83 -12.11
CA GLY B 320 9.25 12.99 -12.81
C GLY B 320 8.27 13.65 -13.75
N GLY B 321 7.12 13.01 -13.95
CA GLY B 321 6.09 13.42 -14.94
C GLY B 321 5.36 14.70 -14.60
N VAL B 322 6.13 15.76 -14.43
CA VAL B 322 5.58 17.03 -13.97
C VAL B 322 6.27 18.15 -14.74
N ASP B 323 5.68 19.34 -14.74
CA ASP B 323 6.29 20.48 -15.44
C ASP B 323 7.59 20.98 -14.82
N LEU B 324 7.59 21.18 -13.50
CA LEU B 324 8.82 21.48 -12.78
C LEU B 324 9.01 20.56 -11.56
N ALA B 325 10.00 19.68 -11.63
CA ALA B 325 10.37 18.76 -10.54
C ALA B 325 11.60 19.28 -9.79
N MET B 326 11.46 19.38 -8.50
CA MET B 326 12.53 19.89 -7.71
C MET B 326 12.67 19.04 -6.46
N ASN B 327 13.92 18.74 -6.14
CA ASN B 327 14.28 17.93 -4.99
C ASN B 327 14.98 18.82 -3.96
N LEU B 328 14.64 18.64 -2.68
CA LEU B 328 15.19 19.49 -1.64
C LEU B 328 16.28 18.77 -0.87
N ASP B 329 17.54 19.21 -1.02
CA ASP B 329 18.67 18.59 -0.30
C ASP B 329 18.78 19.18 1.13
N PHE B 330 18.60 18.32 2.13
CA PHE B 330 18.64 18.82 3.49
C PHE B 330 19.99 18.66 4.19
N SER B 331 20.19 19.43 5.25
CA SER B 331 21.40 19.37 6.06
C SER B 331 21.29 20.34 7.23
N PHE B 332 22.22 20.18 8.17
CA PHE B 332 22.18 20.85 9.47
C PHE B 332 23.64 21.09 10.01
N ASN B 333 23.95 22.29 10.47
CA ASN B 333 25.31 22.60 10.89
C ASN B 333 25.41 22.89 12.40
N GLY B 334 24.41 22.47 13.15
CA GLY B 334 24.47 22.61 14.59
C GLY B 334 23.46 23.62 15.07
N THR B 335 23.42 24.76 14.37
CA THR B 335 22.46 25.81 14.69
C THR B 335 21.42 26.03 13.62
N ASN B 336 21.81 25.88 12.37
CA ASN B 336 20.88 26.16 11.30
C ASN B 336 20.63 25.01 10.37
N PHE B 337 19.39 24.92 9.90
CA PHE B 337 18.98 23.95 8.89
C PHE B 337 19.25 24.54 7.53
N PHE B 338 19.42 23.66 6.54
CA PHE B 338 19.72 24.08 5.17
C PHE B 338 18.91 23.35 4.11
N ILE B 339 18.33 24.10 3.19
CA ILE B 339 17.71 23.55 1.98
C ILE B 339 18.49 24.03 0.76
N ASN B 340 19.03 23.08 0.02
CA ASN B 340 19.92 23.31 -1.11
C ASN B 340 21.06 24.20 -0.74
N ASN B 341 21.78 23.80 0.29
CA ASN B 341 22.98 24.49 0.72
C ASN B 341 22.66 25.92 1.17
N GLU B 342 21.37 26.26 1.35
CA GLU B 342 21.08 27.57 1.94
C GLU B 342 20.03 27.57 3.03
N THR B 343 20.12 28.55 3.94
CA THR B 343 19.19 28.74 5.08
C THR B 343 18.35 30.04 4.93
N LEU B 344 17.09 30.06 5.36
CA LEU B 344 16.33 31.31 5.22
C LEU B 344 16.68 32.28 6.35
N ILE B 345 17.46 33.31 6.03
CA ILE B 345 17.65 34.45 6.92
C ILE B 345 16.80 35.59 6.38
N PRO B 346 15.72 35.91 7.08
CA PRO B 346 14.69 36.82 6.53
C PRO B 346 15.21 38.22 6.15
N PRO B 347 14.87 38.68 4.92
CA PRO B 347 15.33 39.90 4.26
C PRO B 347 14.75 41.18 4.85
N THR B 348 15.39 42.32 4.61
CA THR B 348 14.90 43.58 5.18
C THR B 348 13.59 43.93 4.52
N VAL B 349 13.53 43.65 3.22
CA VAL B 349 12.40 44.02 2.42
C VAL B 349 11.66 42.72 2.13
N PRO B 350 10.33 42.67 2.42
CA PRO B 350 9.58 41.43 2.14
C PRO B 350 9.66 40.92 0.72
N VAL B 351 9.78 39.60 0.57
CA VAL B 351 9.79 38.96 -0.74
C VAL B 351 8.76 39.62 -1.69
N LEU B 352 7.52 39.77 -1.20
CA LEU B 352 6.41 40.39 -1.95
C LEU B 352 6.81 41.75 -2.46
N LEU B 353 7.13 42.62 -1.50
CA LEU B 353 7.46 43.99 -1.78
C LEU B 353 8.56 44.07 -2.82
N GLN B 354 9.49 43.12 -2.77
CA GLN B 354 10.62 43.11 -3.71
C GLN B 354 10.13 43.02 -5.16
N ILE B 355 9.09 42.22 -5.33
CA ILE B 355 8.52 41.96 -6.64
C ILE B 355 7.72 43.20 -7.07
N LEU B 356 7.00 43.77 -6.14
CA LEU B 356 6.33 44.99 -6.43
C LEU B 356 7.31 46.12 -6.65
N SER B 357 8.57 45.91 -6.26
CA SER B 357 9.60 46.91 -6.46
C SER B 357 10.29 46.73 -7.79
N GLY B 358 10.01 45.62 -8.46
CA GLY B 358 10.41 45.48 -9.83
C GLY B 358 11.20 44.23 -10.06
N ALA B 359 11.47 43.52 -8.96
CA ALA B 359 12.23 42.27 -8.96
C ALA B 359 11.46 41.15 -9.63
N GLN B 360 12.15 40.34 -10.42
CA GLN B 360 11.48 39.27 -11.17
C GLN B 360 12.21 37.95 -11.08
N SER B 361 13.50 37.98 -11.38
CA SER B 361 14.28 36.75 -11.48
C SER B 361 14.72 36.28 -10.12
N ALA B 362 15.04 35.00 -10.03
CA ALA B 362 15.49 34.41 -8.78
C ALA B 362 16.76 35.05 -8.30
N SER B 363 17.61 35.43 -9.27
CA SER B 363 18.85 36.14 -9.01
C SER B 363 18.57 37.46 -8.28
N ASP B 364 17.46 38.10 -8.61
CA ASP B 364 17.20 39.45 -8.14
C ASP B 364 16.46 39.45 -6.82
N LEU B 365 15.90 38.31 -6.46
CA LEU B 365 15.13 38.19 -5.22
C LEU B 365 15.99 37.87 -3.98
N LEU B 366 15.56 38.41 -2.85
CA LEU B 366 16.22 38.17 -1.57
C LEU B 366 15.26 37.47 -0.58
N PRO B 367 15.79 36.58 0.27
CA PRO B 367 17.20 36.26 0.44
C PRO B 367 17.72 35.45 -0.73
N THR B 368 19.00 35.59 -1.00
CA THR B 368 19.55 34.94 -2.17
C THR B 368 19.72 33.43 -1.98
N GLY B 369 19.36 32.67 -3.02
CA GLY B 369 19.48 31.22 -3.00
C GLY B 369 18.36 30.50 -2.27
N SER B 370 17.29 31.22 -1.98
CA SER B 370 16.21 30.64 -1.17
C SER B 370 14.85 30.97 -1.77
N VAL B 371 14.82 31.92 -2.71
CA VAL B 371 13.58 32.26 -3.37
C VAL B 371 13.61 31.59 -4.73
N TYR B 372 12.70 30.67 -4.96
CA TYR B 372 12.65 29.98 -6.24
C TYR B 372 11.46 30.52 -7.07
N THR B 373 11.68 30.76 -8.36
CA THR B 373 10.63 31.25 -9.27
C THR B 373 9.89 30.07 -9.83
N LEU B 374 8.56 30.18 -9.85
CA LEU B 374 7.67 29.15 -10.42
C LEU B 374 6.76 29.75 -11.49
N PRO B 375 6.63 29.09 -12.65
CA PRO B 375 5.78 29.66 -13.67
C PRO B 375 4.34 29.26 -13.42
N LEU B 376 3.36 29.99 -13.87
CA LEU B 376 2.00 29.62 -13.56
C LEU B 376 1.58 28.35 -14.23
N ASN B 377 0.31 28.10 -14.15
CA ASN B 377 -0.28 26.96 -14.88
C ASN B 377 0.68 25.78 -15.17
N SER B 378 1.81 25.74 -14.49
CA SER B 378 2.73 24.59 -14.54
C SER B 378 2.46 23.68 -13.32
N THR B 379 2.78 22.38 -13.48
CA THR B 379 2.59 21.41 -12.41
C THR B 379 3.94 21.12 -11.76
N ILE B 380 3.95 21.26 -10.43
CA ILE B 380 5.16 21.13 -9.64
C ILE B 380 5.18 19.89 -8.72
N GLU B 381 6.32 19.18 -8.74
CA GLU B 381 6.59 18.02 -7.90
C GLU B 381 7.79 18.22 -6.94
N LEU B 382 7.50 18.25 -5.65
CA LEU B 382 8.54 18.46 -4.68
C LEU B 382 8.79 17.20 -3.90
N SER B 383 10.05 16.90 -3.64
CA SER B 383 10.45 15.70 -2.89
C SER B 383 11.32 16.03 -1.67
N PHE B 384 10.95 15.49 -0.50
CA PHE B 384 11.65 15.76 0.78
C PHE B 384 12.38 14.53 1.36
N PRO B 385 13.55 14.21 0.83
CA PRO B 385 14.15 13.02 1.34
C PRO B 385 14.84 13.26 2.69
N ILE B 386 14.41 12.52 3.71
CA ILE B 386 15.14 12.36 4.98
C ILE B 386 16.08 11.14 4.85
N THR B 387 17.35 11.41 4.48
CA THR B 387 18.34 10.34 4.21
C THR B 387 19.28 10.09 5.36
N THR B 388 19.56 8.81 5.56
CA THR B 388 20.53 8.34 6.54
C THR B 388 22.04 8.63 6.25
N VAL B 389 22.35 9.08 5.03
CA VAL B 389 23.73 9.38 4.53
C VAL B 389 24.70 8.19 4.72
N ASN B 390 26.01 8.49 4.68
CA ASN B 390 27.07 7.47 4.92
C ASN B 390 27.06 6.95 6.38
N GLY B 391 26.86 7.87 7.32
CA GLY B 391 26.61 7.53 8.71
C GLY B 391 26.18 8.80 9.42
N VAL B 392 25.86 9.83 8.61
CA VAL B 392 25.58 11.19 9.12
C VAL B 392 24.12 11.50 9.49
N THR B 393 23.19 11.10 8.62
CA THR B 393 21.74 11.49 8.67
C THR B 393 21.45 13.01 8.74
N ASN B 394 21.02 13.55 7.60
CA ASN B 394 20.72 14.97 7.49
C ASN B 394 19.37 15.31 8.09
N ALA B 395 19.19 16.56 8.47
CA ALA B 395 17.95 17.01 9.11
C ALA B 395 17.52 16.20 10.34
N PRO B 396 18.30 16.26 11.44
CA PRO B 396 17.85 15.59 12.65
C PRO B 396 16.66 16.32 13.26
N GLY B 397 15.99 15.71 14.23
CA GLY B 397 14.79 16.32 14.79
C GLY B 397 13.55 15.88 14.04
N ALA B 398 13.70 14.80 13.27
CA ALA B 398 12.59 14.20 12.56
C ALA B 398 11.48 13.64 13.51
N PRO B 399 10.27 13.41 13.00
CA PRO B 399 9.83 13.69 11.65
C PRO B 399 9.52 15.20 11.50
N HIS B 400 9.65 15.73 10.28
CA HIS B 400 9.43 17.16 10.03
C HIS B 400 8.16 17.45 9.22
N PRO B 401 7.21 18.20 9.79
CA PRO B 401 6.00 18.47 9.03
C PRO B 401 6.16 19.72 8.18
N PHE B 402 6.36 19.52 6.87
CA PHE B 402 6.46 20.59 5.86
C PHE B 402 5.08 21.15 5.43
N HIS B 403 4.96 22.47 5.46
CA HIS B 403 3.71 23.13 5.10
C HIS B 403 3.97 24.04 3.91
N LEU B 404 3.05 24.05 2.96
CA LEU B 404 3.15 24.95 1.81
C LEU B 404 2.07 25.98 1.86
N HIS B 405 2.50 27.24 1.87
CA HIS B 405 1.58 28.36 1.96
C HIS B 405 0.83 28.56 0.64
N GLY B 406 -0.48 28.85 0.75
CA GLY B 406 -1.26 29.26 -0.43
C GLY B 406 -1.51 28.18 -1.46
N HIS B 407 -1.25 26.93 -1.09
CA HIS B 407 -1.59 25.75 -1.91
C HIS B 407 -2.05 24.54 -1.09
N ALA B 408 -2.76 23.64 -1.76
CA ALA B 408 -3.10 22.37 -1.17
C ALA B 408 -2.50 21.30 -2.05
N PHE B 409 -1.52 20.57 -1.54
CA PHE B 409 -0.82 19.68 -2.42
C PHE B 409 -1.36 18.27 -2.30
N SER B 410 -1.15 17.48 -3.34
CA SER B 410 -1.49 16.05 -3.33
C SER B 410 -0.24 15.23 -3.02
N VAL B 411 -0.23 14.63 -1.84
CA VAL B 411 0.92 13.88 -1.33
C VAL B 411 0.99 12.55 -2.09
N VAL B 412 1.82 12.46 -3.11
CA VAL B 412 1.87 11.25 -3.92
C VAL B 412 2.62 10.12 -3.21
N ARG B 413 3.64 10.46 -2.44
CA ARG B 413 4.33 9.44 -1.64
C ARG B 413 4.40 9.83 -0.18
N SER B 414 3.76 9.04 0.69
CA SER B 414 3.66 9.34 2.12
C SER B 414 4.81 8.78 2.95
N ALA B 415 4.91 9.27 4.18
CA ALA B 415 5.96 8.77 5.07
C ALA B 415 5.68 7.33 5.46
N GLY B 416 6.73 6.57 5.62
CA GLY B 416 6.59 5.18 6.01
C GLY B 416 6.19 4.23 4.90
N SER B 417 6.11 4.74 3.67
CA SER B 417 5.82 3.88 2.53
C SER B 417 6.59 4.36 1.32
N SER B 418 6.92 3.44 0.43
CA SER B 418 7.67 3.84 -0.76
C SER B 418 6.83 3.70 -2.02
N ASP B 419 5.58 3.30 -1.82
CA ASP B 419 4.64 3.24 -2.93
C ASP B 419 4.07 4.62 -3.30
N TYR B 420 4.20 4.98 -4.59
CA TYR B 420 3.61 6.20 -5.16
C TYR B 420 2.13 6.04 -5.54
N ASN B 421 1.36 7.08 -5.34
CA ASN B 421 -0.04 7.07 -5.69
C ASN B 421 -0.29 8.30 -6.53
N TYR B 422 -0.72 8.08 -7.77
CA TYR B 422 -1.08 9.20 -8.60
C TYR B 422 -2.58 9.21 -8.89
N VAL B 423 -3.24 8.15 -8.48
CA VAL B 423 -4.65 7.95 -8.81
C VAL B 423 -5.55 8.76 -7.87
N ASN B 424 -5.35 8.55 -6.57
CA ASN B 424 -6.20 9.20 -5.57
C ASN B 424 -5.49 9.49 -4.22
N PRO B 425 -4.26 10.07 -4.26
CA PRO B 425 -3.58 10.47 -3.02
C PRO B 425 -4.27 11.60 -2.33
N VAL B 426 -3.97 11.77 -1.05
CA VAL B 426 -4.54 12.87 -0.21
C VAL B 426 -4.15 14.30 -0.61
N ARG B 427 -5.04 15.24 -0.34
CA ARG B 427 -4.72 16.66 -0.53
C ARG B 427 -4.63 17.31 0.85
N ARG B 428 -3.48 17.85 1.18
CA ARG B 428 -3.39 18.57 2.41
C ARG B 428 -2.35 19.68 2.26
N ASP B 429 -2.22 20.50 3.33
CA ASP B 429 -1.31 21.68 3.35
C ASP B 429 -0.13 21.52 4.31
N THR B 430 -0.10 20.39 5.00
CA THR B 430 1.11 20.04 5.72
C THR B 430 1.30 18.52 5.92
N VAL B 431 2.39 18.00 5.41
CA VAL B 431 2.62 16.60 5.49
C VAL B 431 3.86 16.34 6.33
N SER B 432 3.88 15.23 7.07
CA SER B 432 5.08 14.75 7.74
C SER B 432 6.07 14.16 6.72
N THR B 433 7.34 14.58 6.81
CA THR B 433 8.38 14.06 5.91
C THR B 433 8.99 12.74 6.38
N GLY B 434 8.55 12.30 7.56
CA GLY B 434 8.92 11.00 8.12
C GLY B 434 10.31 10.81 8.70
N ASN B 435 10.74 9.54 8.70
CA ASN B 435 12.03 9.14 9.23
C ASN B 435 12.98 8.68 8.13
N PRO B 436 14.30 8.63 8.41
CA PRO B 436 15.26 8.27 7.38
C PRO B 436 14.80 7.08 6.56
N GLY B 437 14.87 7.23 5.24
CA GLY B 437 14.33 6.25 4.29
C GLY B 437 13.05 6.70 3.59
N ASP B 438 12.53 7.85 4.02
CA ASP B 438 11.28 8.34 3.45
C ASP B 438 11.66 9.39 2.44
N ASN B 439 11.18 9.22 1.20
CA ASN B 439 11.39 10.24 0.17
C ASN B 439 10.07 10.92 -0.13
N VAL B 440 9.33 11.28 0.93
CA VAL B 440 8.05 11.99 0.82
C VAL B 440 7.99 12.99 -0.35
N THR B 441 7.05 12.76 -1.27
CA THR B 441 6.95 13.56 -2.50
C THR B 441 5.55 14.13 -2.57
N ILE B 442 5.46 15.42 -2.89
CA ILE B 442 4.16 16.06 -3.04
C ILE B 442 4.12 16.74 -4.38
N ARG B 443 2.88 16.91 -4.88
CA ARG B 443 2.56 17.56 -6.19
C ARG B 443 1.45 18.58 -6.02
N PHE B 444 1.61 19.72 -6.66
CA PHE B 444 0.55 20.74 -6.64
C PHE B 444 0.70 21.53 -7.91
N THR B 445 -0.40 22.16 -8.32
CA THR B 445 -0.45 22.99 -9.53
C THR B 445 -0.27 24.49 -9.22
N THR B 446 0.38 25.24 -10.11
CA THR B 446 0.64 26.64 -9.79
C THR B 446 -0.51 27.49 -10.24
N ASP B 447 -1.48 27.71 -9.36
CA ASP B 447 -2.67 28.43 -9.75
C ASP B 447 -2.81 29.67 -8.91
N ASN B 448 -1.70 30.10 -8.35
CA ASN B 448 -1.78 31.19 -7.42
C ASN B 448 -0.56 32.09 -7.55
N ALA B 449 -0.81 33.31 -8.03
CA ALA B 449 0.28 34.23 -8.28
C ALA B 449 0.67 34.94 -7.01
N GLY B 450 1.98 35.10 -6.85
CA GLY B 450 2.61 35.70 -5.67
C GLY B 450 3.62 34.80 -4.97
N PRO B 451 4.31 35.35 -3.96
CA PRO B 451 5.33 34.61 -3.21
C PRO B 451 4.74 33.75 -2.12
N TRP B 452 5.11 32.47 -2.07
CA TRP B 452 4.63 31.56 -1.00
C TRP B 452 5.75 30.87 -0.22
N PHE B 453 5.49 30.68 1.08
CA PHE B 453 6.48 30.09 1.97
C PHE B 453 6.44 28.57 1.93
N LEU B 454 7.58 27.91 2.00
CA LEU B 454 7.55 26.49 2.28
C LEU B 454 8.53 26.23 3.42
N HIS B 455 8.00 25.79 4.55
CA HIS B 455 8.84 25.62 5.74
C HIS B 455 8.39 24.44 6.51
N CYS B 456 9.29 23.90 7.33
CA CYS B 456 8.91 22.89 8.31
C CYS B 456 8.06 23.60 9.38
N HIS B 457 6.87 23.09 9.69
CA HIS B 457 6.01 23.84 10.61
C HIS B 457 6.38 23.68 12.07
N ILE B 458 7.48 22.98 12.37
CA ILE B 458 8.07 23.04 13.73
C ILE B 458 8.74 24.38 13.89
N ASP B 459 8.14 25.22 14.72
CA ASP B 459 8.49 26.63 14.76
C ASP B 459 9.97 26.88 15.08
N PHE B 460 10.52 26.03 15.93
CA PHE B 460 11.93 26.14 16.28
C PHE B 460 12.85 25.75 15.13
N HIS B 461 12.31 25.05 14.13
CA HIS B 461 13.09 24.73 12.96
C HIS B 461 12.98 25.85 11.94
N LEU B 462 11.81 26.46 11.91
CA LEU B 462 11.61 27.62 11.08
C LEU B 462 12.63 28.70 11.45
N GLU B 463 12.81 28.93 12.76
CA GLU B 463 13.73 29.96 13.16
C GLU B 463 15.15 29.57 12.83
N ALA B 464 15.37 28.26 12.67
CA ALA B 464 16.68 27.73 12.29
C ALA B 464 16.84 27.83 10.77
N GLY B 465 15.80 28.33 10.10
CA GLY B 465 15.92 28.70 8.69
C GLY B 465 15.67 27.55 7.74
N PHE B 466 14.84 26.61 8.20
CA PHE B 466 14.45 25.44 7.44
C PHE B 466 13.26 25.82 6.56
N ALA B 467 13.55 26.60 5.51
CA ALA B 467 12.49 27.19 4.69
C ALA B 467 12.96 27.71 3.31
N ILE B 468 12.03 27.76 2.37
CA ILE B 468 12.31 28.45 1.13
C ILE B 468 11.06 29.15 0.66
N VAL B 469 11.20 30.10 -0.26
CA VAL B 469 10.03 30.83 -0.72
C VAL B 469 9.81 30.57 -2.19
N PHE B 470 8.56 30.37 -2.58
CA PHE B 470 8.24 30.20 -4.01
C PHE B 470 7.64 31.47 -4.60
N ALA B 471 8.44 32.16 -5.42
CA ALA B 471 7.94 33.34 -6.09
C ALA B 471 7.21 32.83 -7.31
N GLU B 472 5.92 32.55 -7.10
CA GLU B 472 5.05 31.94 -8.10
C GLU B 472 4.50 33.00 -9.04
N ASP B 473 4.93 32.92 -10.30
CA ASP B 473 4.47 33.78 -11.37
C ASP B 473 4.75 35.21 -10.99
N THR B 474 6.04 35.51 -11.01
CA THR B 474 6.51 36.85 -10.72
C THR B 474 5.93 37.98 -11.62
N PRO B 475 5.78 37.76 -12.94
CA PRO B 475 5.28 38.87 -13.75
C PRO B 475 3.88 39.33 -13.35
N ASP B 476 3.02 38.40 -12.95
CA ASP B 476 1.68 38.81 -12.61
C ASP B 476 1.47 39.11 -11.16
N THR B 477 2.53 38.99 -10.38
CA THR B 477 2.38 39.14 -8.95
C THR B 477 1.86 40.55 -8.66
N ALA B 478 2.48 41.54 -9.32
CA ALA B 478 2.16 42.96 -9.07
C ALA B 478 0.69 43.24 -9.32
N SER B 479 0.24 42.90 -10.54
CA SER B 479 -1.15 43.08 -10.98
C SER B 479 -2.21 42.26 -10.21
N VAL B 480 -2.12 40.93 -10.23
CA VAL B 480 -3.01 39.97 -9.53
C VAL B 480 -3.20 40.20 -8.02
N ASN B 481 -2.27 40.92 -7.40
CA ASN B 481 -2.35 41.24 -5.98
C ASN B 481 -2.40 42.73 -5.71
N PRO B 482 -3.61 43.28 -5.67
CA PRO B 482 -3.68 44.69 -5.39
C PRO B 482 -3.38 44.87 -3.92
N VAL B 483 -2.44 45.76 -3.62
CA VAL B 483 -2.08 46.02 -2.23
C VAL B 483 -2.71 47.27 -1.63
N PRO B 484 -3.41 47.13 -0.49
CA PRO B 484 -4.03 48.25 0.22
C PRO B 484 -2.99 49.15 0.84
N THR B 485 -3.43 50.34 1.28
CA THR B 485 -2.53 51.42 1.70
C THR B 485 -1.91 51.08 3.07
N ALA B 486 -2.73 50.45 3.90
CA ALA B 486 -2.26 49.99 5.20
C ALA B 486 -1.02 49.06 5.10
N TRP B 487 -1.04 48.09 4.19
CA TRP B 487 0.09 47.18 3.94
C TRP B 487 1.39 47.86 3.50
N SER B 488 1.27 48.88 2.65
CA SER B 488 2.45 49.56 2.13
C SER B 488 2.97 50.51 3.18
N ASP B 489 2.09 50.85 4.11
CA ASP B 489 2.48 51.67 5.22
C ASP B 489 3.34 50.94 6.27
N LEU B 490 3.30 49.61 6.24
CA LEU B 490 3.95 48.75 7.24
C LEU B 490 5.46 48.80 7.27
N CYS B 491 6.09 48.75 6.11
CA CYS B 491 7.55 48.70 6.08
C CYS B 491 8.24 49.98 6.46
N PRO B 492 7.76 51.11 5.94
CA PRO B 492 8.37 52.36 6.40
C PRO B 492 8.11 52.60 7.92
N THR B 493 6.96 52.17 8.43
CA THR B 493 6.64 52.34 9.83
C THR B 493 7.37 51.34 10.74
N TYR B 494 7.84 50.23 10.16
CA TYR B 494 8.47 49.17 10.93
C TYR B 494 9.95 49.35 11.06
N ASP B 495 10.58 49.82 9.99
CA ASP B 495 12.04 49.98 9.93
C ASP B 495 12.57 51.17 10.71
N ALA B 496 11.62 52.02 11.13
CA ALA B 496 11.90 53.18 11.97
C ALA B 496 12.01 52.79 13.44
N LEU B 497 11.39 51.65 13.80
CA LEU B 497 11.37 51.16 15.18
C LEU B 497 12.75 50.74 15.65
N ASP B 498 12.99 50.92 16.94
CA ASP B 498 14.25 50.50 17.57
C ASP B 498 14.27 49.01 17.80
N PRO B 499 15.47 48.42 17.74
CA PRO B 499 15.61 47.03 18.17
C PRO B 499 14.84 46.72 19.50
N SER B 500 14.82 47.67 20.43
CA SER B 500 14.17 47.51 21.71
C SER B 500 12.67 47.44 21.56
N ASP B 501 12.16 48.07 20.51
CA ASP B 501 10.72 48.21 20.33
C ASP B 501 10.18 47.20 19.30
N HIS B 502 11.01 46.22 18.94
CA HIS B 502 10.65 45.22 17.93
C HIS B 502 9.51 44.33 18.40
#